data_7TY4
#
_entry.id   7TY4
#
_cell.length_a   1.00
_cell.length_b   1.00
_cell.length_c   1.00
_cell.angle_alpha   90.00
_cell.angle_beta   90.00
_cell.angle_gamma   90.00
#
_symmetry.space_group_name_H-M   'P 1'
#
loop_
_entity.id
_entity.type
_entity.pdbx_description
1 polymer 'Band 3 anion transport protein'
2 branched 2-acetamido-2-deoxy-beta-D-glucopyranose-(1-4)-2-acetamido-2-deoxy-beta-D-glucopyranose
3 non-polymer CHOLESTEROL
4 non-polymer 1,2-DIACYL-SN-GLYCERO-3-PHOSPHOCHOLINE
5 non-polymer 'CHOLESTEROL HEMISUCCINATE'
6 water water
#
_entity_poly.entity_id   1
_entity_poly.type   'polypeptide(L)'
_entity_poly.pdbx_seq_one_letter_code
;MEELQDDYEDMMEENLEQEEYEDPDIPESQMEEPAAHDTEATATDYHTTSHPGTHKVYVELQELVMDEKNQELRWMEAAR
WVQLEENLGENGAWGRPHLSHLTFWSLLELRRVFTKGTVLLDLQETSLAGVANQLLDRFIFEDQIRPQDREELLRALLLK
HSHAGELEALGGVKPAVLTRSGDPSQPLLPQHSSLETQLFCEQGDGGTEGHSPSGILEKIPPDSEATLVLVGRADFLEQP
VLGFVRLQEAAELEAVELPVPIRFLFVLLGPEAPHIDYTQLGRAAATLMSERVFRIDAYMAQSRGELLHSLEGFLDCSLV
LPPTDAPSEQALLSLVPVQRELLRRRYQSSPAKPDSSFYKGLDLNGGPDDPLQQTGQLFGGLVRDIRRRYPYYLSDITDA
FSPQVLAAVIFIYFAALSPAITFGGLLGEKTRNQMGVSELLISTAVQGILFALLGAQPLLVVGFSGPLLVFEEAFFSFCE
TNGLEYIVGRVWIGFWLILLVVLVVAFEGSFLVRFISRYTQEIFSFLISLIFIYETFSKLIKIFQDHPLQKTYNYNVLMV
PKPQGPLPNTALLSLVLMAGTFFFAMMLRKFKNSSYFPGKLRRVIGDFGVPISILIMVLVDFFIQDTYTQKLSVPDGFKV
SNSSARGWVIHPLGLRSEFPIWMMFASALPALLVFILIFLESQITTLIVSKPERKMVKGSGFHLDLLLVVGMGGVAALFG
MPWLSATTVRSVTHANALTVMGKASTPGAAAQIQEVKEQRISGLLVAVLVGLSILMEPILSRIPLAVLFGIFLYMGVTSL
SGIQLFDRILLLFKPPKYHPDVPYVKRVKTWRMHLFTGIQIICLAVLWVVKSTPASLALPFVLILTVPLRRVLLPLIFRN
VELQCLDADDAKATFDEEEGRDEYDEVAMPV
;
_entity_poly.pdbx_strand_id   A,B
#
loop_
_chem_comp.id
_chem_comp.type
_chem_comp.name
_chem_comp.formula
CLR non-polymer CHOLESTEROL 'C27 H46 O'
NAG D-saccharide, beta linking 2-acetamido-2-deoxy-beta-D-glucopyranose 'C8 H15 N O6'
PC1 non-polymer 1,2-DIACYL-SN-GLYCERO-3-PHOSPHOCHOLINE 'C44 H88 N O8 P'
Y01 non-polymer 'CHOLESTEROL HEMISUCCINATE' 'C31 H50 O4'
#
# COMPACT_ATOMS: atom_id res chain seq x y z
N ASP A 370 -10.78 43.77 5.13
CA ASP A 370 -11.30 42.66 4.27
C ASP A 370 -11.22 43.07 2.81
N PRO A 371 -10.76 42.20 1.88
CA PRO A 371 -10.74 42.52 0.45
C PRO A 371 -12.12 42.66 -0.22
N LEU A 372 -13.14 42.00 0.34
CA LEU A 372 -14.49 41.83 -0.29
C LEU A 372 -15.37 43.07 -0.04
N GLN A 373 -14.93 44.02 0.80
CA GLN A 373 -15.66 45.29 1.05
C GLN A 373 -15.62 46.15 -0.22
N GLN A 374 -16.79 46.63 -0.65
CA GLN A 374 -16.94 47.57 -1.80
C GLN A 374 -16.35 48.93 -1.41
N THR A 375 -15.22 49.31 -2.01
CA THR A 375 -14.53 50.62 -1.82
C THR A 375 -15.48 51.76 -2.16
N GLY A 376 -16.24 51.63 -3.25
CA GLY A 376 -17.18 52.64 -3.76
C GLY A 376 -16.55 53.57 -4.79
N GLN A 377 -15.23 53.44 -5.01
CA GLN A 377 -14.44 54.20 -6.01
C GLN A 377 -14.12 53.28 -7.20
N LEU A 378 -14.07 53.83 -8.42
CA LEU A 378 -13.80 53.07 -9.67
C LEU A 378 -12.45 52.37 -9.57
N PHE A 379 -12.42 51.06 -9.77
CA PHE A 379 -11.23 50.17 -9.64
C PHE A 379 -10.71 50.23 -8.19
N GLY A 380 -11.63 50.34 -7.22
CA GLY A 380 -11.31 50.49 -5.78
C GLY A 380 -10.72 49.21 -5.22
N GLY A 381 -11.30 48.06 -5.56
CA GLY A 381 -10.80 46.72 -5.18
C GLY A 381 -9.43 46.45 -5.77
N LEU A 382 -9.28 46.70 -7.08
CA LEU A 382 -8.02 46.49 -7.86
C LEU A 382 -6.87 47.28 -7.20
N VAL A 383 -7.12 48.54 -6.83
CA VAL A 383 -6.13 49.46 -6.18
C VAL A 383 -5.75 48.87 -4.80
N ARG A 384 -6.76 48.59 -3.96
CA ARG A 384 -6.59 48.04 -2.58
C ARG A 384 -5.86 46.70 -2.63
N ASP A 385 -6.17 45.84 -3.62
CA ASP A 385 -5.53 44.51 -3.82
C ASP A 385 -4.04 44.68 -4.15
N ILE A 386 -3.68 45.69 -4.94
CA ILE A 386 -2.27 46.05 -5.26
C ILE A 386 -1.62 46.61 -3.98
N ARG A 387 -2.25 47.60 -3.35
CA ARG A 387 -1.75 48.30 -2.13
C ARG A 387 -1.64 47.32 -0.94
N ARG A 388 -2.34 46.18 -0.97
CA ARG A 388 -2.27 45.15 0.10
C ARG A 388 -0.99 44.31 -0.07
N ARG A 389 -0.77 43.72 -1.25
CA ARG A 389 0.20 42.62 -1.47
C ARG A 389 1.56 43.16 -1.93
N TYR A 390 1.59 44.20 -2.77
CA TYR A 390 2.83 44.72 -3.44
C TYR A 390 3.82 45.31 -2.44
N PRO A 391 3.41 45.84 -1.26
CA PRO A 391 4.36 46.13 -0.18
C PRO A 391 5.17 44.91 0.29
N TYR A 392 4.59 43.70 0.21
CA TYR A 392 5.21 42.42 0.64
C TYR A 392 5.81 41.70 -0.58
N TYR A 393 6.46 42.42 -1.50
CA TYR A 393 6.99 41.87 -2.78
C TYR A 393 8.41 41.35 -2.58
N LEU A 394 9.21 42.01 -1.74
CA LEU A 394 10.59 41.55 -1.37
C LEU A 394 10.49 40.21 -0.64
N SER A 395 9.47 40.06 0.22
CA SER A 395 9.14 38.79 0.92
C SER A 395 8.75 37.71 -0.09
N ASP A 396 7.91 38.06 -1.07
CA ASP A 396 7.41 37.15 -2.15
C ASP A 396 8.52 36.50 -2.96
N ILE A 397 9.73 37.08 -2.98
CA ILE A 397 10.95 36.54 -3.65
C ILE A 397 11.80 35.76 -2.62
N THR A 398 11.93 36.30 -1.40
CA THR A 398 12.89 35.81 -0.36
C THR A 398 12.25 34.65 0.42
N ASP A 399 10.93 34.61 0.54
CA ASP A 399 10.18 33.51 1.23
C ASP A 399 10.36 32.19 0.46
N ALA A 400 10.72 32.26 -0.82
CA ALA A 400 10.98 31.10 -1.71
C ALA A 400 12.31 30.42 -1.38
N PHE A 401 13.18 31.05 -0.58
CA PHE A 401 14.52 30.51 -0.22
C PHE A 401 14.35 29.36 0.78
N SER A 402 13.88 28.21 0.29
CA SER A 402 13.61 26.97 1.07
C SER A 402 13.68 25.76 0.15
N PRO A 403 14.20 24.60 0.60
CA PRO A 403 14.18 23.38 -0.21
C PRO A 403 12.75 22.85 -0.46
N GLN A 404 11.85 23.06 0.50
CA GLN A 404 10.39 22.77 0.39
C GLN A 404 9.81 23.48 -0.85
N VAL A 405 10.28 24.70 -1.14
CA VAL A 405 9.81 25.53 -2.29
C VAL A 405 10.31 24.90 -3.60
N LEU A 406 11.52 24.33 -3.64
CA LEU A 406 12.03 23.58 -4.82
C LEU A 406 11.24 22.27 -4.95
N ALA A 407 11.09 21.53 -3.85
CA ALA A 407 10.29 20.28 -3.76
C ALA A 407 8.86 20.54 -4.25
N ALA A 408 8.33 21.75 -4.05
CA ALA A 408 7.02 22.21 -4.57
C ALA A 408 7.10 22.39 -6.10
N VAL A 409 8.16 23.05 -6.59
CA VAL A 409 8.38 23.32 -8.05
C VAL A 409 8.37 21.99 -8.82
N ILE A 410 9.17 21.01 -8.37
CA ILE A 410 9.36 19.70 -9.05
C ILE A 410 8.00 18.99 -9.15
N PHE A 411 7.27 18.93 -8.03
CA PHE A 411 5.94 18.29 -7.89
C PHE A 411 4.94 19.02 -8.81
N ILE A 412 4.82 20.35 -8.65
CA ILE A 412 3.76 21.17 -9.32
C ILE A 412 4.09 21.36 -10.81
N TYR A 413 5.36 21.18 -11.21
CA TYR A 413 5.79 21.19 -12.63
C TYR A 413 5.13 20.03 -13.38
N PHE A 414 5.20 18.81 -12.82
CA PHE A 414 4.60 17.57 -13.39
C PHE A 414 3.07 17.66 -13.32
N ALA A 415 2.53 18.32 -12.29
CA ALA A 415 1.09 18.61 -12.11
C ALA A 415 0.62 19.58 -13.20
N ALA A 416 1.48 20.54 -13.58
CA ALA A 416 1.20 21.62 -14.57
C ALA A 416 1.42 21.11 -16.01
N LEU A 417 2.45 20.31 -16.24
CA LEU A 417 2.89 19.87 -17.59
C LEU A 417 1.88 18.87 -18.18
N SER A 418 1.65 17.76 -17.48
CA SER A 418 0.86 16.59 -17.96
C SER A 418 -0.48 17.03 -18.56
N PRO A 419 -1.32 17.84 -17.87
CA PRO A 419 -2.55 18.36 -18.49
C PRO A 419 -2.30 19.25 -19.72
N ALA A 420 -1.22 20.05 -19.72
CA ALA A 420 -0.82 20.90 -20.85
C ALA A 420 -0.43 20.03 -22.06
N ILE A 421 0.04 18.80 -21.82
CA ILE A 421 0.33 17.77 -22.86
C ILE A 421 -0.98 17.06 -23.21
N THR A 422 -1.75 16.62 -22.21
CA THR A 422 -2.96 15.77 -22.37
C THR A 422 -4.08 16.57 -23.05
N PHE A 423 -4.50 17.68 -22.46
CA PHE A 423 -5.55 18.60 -23.00
C PHE A 423 -5.09 19.16 -24.35
N GLY A 424 -3.80 19.48 -24.49
CA GLY A 424 -3.18 19.95 -25.73
C GLY A 424 -3.31 18.94 -26.85
N GLY A 425 -3.12 17.65 -26.54
CA GLY A 425 -3.31 16.52 -27.47
C GLY A 425 -4.77 16.36 -27.85
N LEU A 426 -5.68 16.47 -26.86
CA LEU A 426 -7.15 16.41 -27.05
C LEU A 426 -7.62 17.62 -27.88
N LEU A 427 -7.05 18.80 -27.62
CA LEU A 427 -7.31 20.06 -28.37
C LEU A 427 -6.97 19.86 -29.85
N GLY A 428 -5.80 19.27 -30.14
CA GLY A 428 -5.31 19.04 -31.52
C GLY A 428 -6.26 18.17 -32.32
N GLU A 429 -6.61 16.98 -31.79
CA GLU A 429 -7.39 15.94 -32.52
C GLU A 429 -8.82 16.47 -32.62
N LYS A 430 -9.28 17.25 -31.64
CA LYS A 430 -10.66 17.83 -31.60
C LYS A 430 -10.81 19.06 -32.55
N THR A 431 -9.73 19.86 -32.72
CA THR A 431 -9.81 21.12 -33.53
C THR A 431 -8.95 21.06 -34.82
N ARG A 432 -8.53 19.87 -35.25
CA ARG A 432 -7.72 19.63 -36.48
C ARG A 432 -6.42 20.46 -36.36
N ASN A 433 -5.82 20.47 -35.17
CA ASN A 433 -4.50 21.07 -34.86
C ASN A 433 -4.52 22.60 -35.11
N GLN A 434 -5.68 23.25 -35.04
CA GLN A 434 -5.81 24.72 -35.03
C GLN A 434 -5.22 25.23 -33.70
N MET A 435 -5.46 24.48 -32.62
CA MET A 435 -4.86 24.67 -31.28
C MET A 435 -4.41 23.31 -30.74
N GLY A 436 -3.15 23.19 -30.32
CA GLY A 436 -2.53 21.92 -29.90
C GLY A 436 -1.68 22.06 -28.66
N VAL A 437 -0.71 21.15 -28.48
CA VAL A 437 0.18 21.08 -27.29
C VAL A 437 1.13 22.28 -27.32
N SER A 438 1.75 22.55 -28.46
CA SER A 438 2.74 23.65 -28.66
C SER A 438 2.13 24.99 -28.22
N GLU A 439 0.88 25.24 -28.61
CA GLU A 439 0.10 26.45 -28.25
C GLU A 439 -0.09 26.49 -26.73
N LEU A 440 -0.64 25.40 -26.16
CA LEU A 440 -1.04 25.30 -24.73
C LEU A 440 0.19 25.34 -23.82
N LEU A 441 1.30 24.71 -24.21
CA LEU A 441 2.58 24.76 -23.45
C LEU A 441 3.06 26.22 -23.37
N ILE A 442 3.00 26.96 -24.48
CA ILE A 442 3.43 28.39 -24.58
C ILE A 442 2.48 29.26 -23.75
N SER A 443 1.16 29.04 -23.86
CA SER A 443 0.12 29.83 -23.15
C SER A 443 0.25 29.64 -21.64
N THR A 444 0.28 28.38 -21.18
CA THR A 444 0.44 27.98 -19.76
C THR A 444 1.72 28.61 -19.18
N ALA A 445 2.79 28.69 -19.98
CA ALA A 445 4.10 29.24 -19.57
C ALA A 445 4.02 30.76 -19.44
N VAL A 446 3.61 31.44 -20.50
CA VAL A 446 3.57 32.95 -20.60
C VAL A 446 2.62 33.48 -19.52
N GLN A 447 1.38 32.99 -19.49
CA GLN A 447 0.33 33.45 -18.53
C GLN A 447 0.76 33.13 -17.09
N GLY A 448 1.33 31.94 -16.87
CA GLY A 448 1.89 31.51 -15.57
C GLY A 448 3.00 32.44 -15.10
N ILE A 449 3.92 32.82 -15.99
CA ILE A 449 5.06 33.74 -15.70
C ILE A 449 4.50 35.12 -15.34
N LEU A 450 3.64 35.68 -16.21
CA LEU A 450 3.00 37.01 -16.01
C LEU A 450 2.24 37.03 -14.68
N PHE A 451 1.42 36.00 -14.42
CA PHE A 451 0.55 35.90 -13.22
C PHE A 451 1.40 35.73 -11.96
N ALA A 452 2.43 34.87 -12.01
CA ALA A 452 3.39 34.64 -10.91
C ALA A 452 3.97 35.98 -10.44
N LEU A 453 4.35 36.85 -11.37
CA LEU A 453 4.99 38.16 -11.09
C LEU A 453 3.95 39.19 -10.63
N LEU A 454 2.78 39.26 -11.28
CA LEU A 454 1.81 40.37 -11.12
C LEU A 454 0.61 39.98 -10.24
N GLY A 455 0.40 38.70 -9.96
CA GLY A 455 -0.79 38.19 -9.24
C GLY A 455 -0.79 38.60 -7.78
N ALA A 456 -1.99 38.83 -7.22
CA ALA A 456 -2.22 39.15 -5.79
C ALA A 456 -2.14 37.87 -4.94
N GLN A 457 -2.46 36.70 -5.54
CA GLN A 457 -2.28 35.35 -4.94
C GLN A 457 -1.46 34.49 -5.89
N PRO A 458 -0.10 34.57 -5.84
CA PRO A 458 0.77 33.77 -6.69
C PRO A 458 0.69 32.23 -6.50
N LEU A 459 0.07 31.77 -5.41
CA LEU A 459 -0.14 30.31 -5.13
C LEU A 459 -1.18 29.72 -6.08
N LEU A 460 -1.99 30.55 -6.74
CA LEU A 460 -2.92 30.11 -7.83
C LEU A 460 -2.09 29.63 -9.02
N VAL A 461 -2.26 28.37 -9.42
CA VAL A 461 -1.63 27.75 -10.63
C VAL A 461 -2.59 27.96 -11.80
N VAL A 462 -2.22 28.84 -12.73
CA VAL A 462 -3.05 29.20 -13.93
C VAL A 462 -2.76 28.17 -15.04
N GLY A 463 -3.76 27.35 -15.39
CA GLY A 463 -3.66 26.31 -16.43
C GLY A 463 -4.98 26.00 -17.09
N PHE A 464 -4.95 25.14 -18.11
CA PHE A 464 -6.13 24.68 -18.90
C PHE A 464 -6.83 23.56 -18.13
N SER A 465 -8.15 23.47 -18.27
CA SER A 465 -9.04 22.57 -17.49
C SER A 465 -10.05 21.87 -18.40
N GLY A 466 -10.80 20.91 -17.84
CA GLY A 466 -11.87 20.16 -18.52
C GLY A 466 -12.95 21.09 -19.07
N PRO A 467 -13.57 21.97 -18.24
CA PRO A 467 -14.58 22.92 -18.71
C PRO A 467 -14.14 23.78 -19.91
N LEU A 468 -12.86 24.16 -19.97
CA LEU A 468 -12.29 24.99 -21.07
C LEU A 468 -12.13 24.15 -22.33
N LEU A 469 -11.69 22.88 -22.21
CA LEU A 469 -11.61 21.91 -23.34
C LEU A 469 -13.00 21.73 -23.95
N VAL A 470 -14.02 21.54 -23.11
CA VAL A 470 -15.44 21.29 -23.50
C VAL A 470 -15.95 22.46 -24.35
N PHE A 471 -15.53 23.69 -24.04
CA PHE A 471 -15.93 24.92 -24.78
C PHE A 471 -15.24 24.96 -26.14
N GLU A 472 -13.94 24.67 -26.19
CA GLU A 472 -13.13 24.67 -27.44
C GLU A 472 -13.69 23.61 -28.41
N GLU A 473 -14.14 22.48 -27.87
CA GLU A 473 -14.91 21.43 -28.58
C GLU A 473 -16.18 22.06 -29.19
N ALA A 474 -16.99 22.71 -28.34
CA ALA A 474 -18.33 23.26 -28.66
C ALA A 474 -18.22 24.39 -29.67
N PHE A 475 -17.27 25.31 -29.48
CA PHE A 475 -17.06 26.52 -30.34
C PHE A 475 -16.58 26.10 -31.73
N PHE A 476 -15.73 25.06 -31.80
CA PHE A 476 -15.25 24.44 -33.07
C PHE A 476 -16.45 23.83 -33.79
N SER A 477 -17.17 22.92 -33.12
CA SER A 477 -18.40 22.25 -33.62
C SER A 477 -19.38 23.28 -34.18
N PHE A 478 -19.55 24.41 -33.49
CA PHE A 478 -20.41 25.55 -33.91
C PHE A 478 -19.82 26.20 -35.17
N CYS A 479 -18.52 26.52 -35.15
CA CYS A 479 -17.78 27.22 -36.23
C CYS A 479 -17.78 26.41 -37.53
N GLU A 480 -17.73 25.07 -37.44
CA GLU A 480 -17.79 24.14 -38.60
C GLU A 480 -19.17 24.24 -39.26
N THR A 481 -20.23 24.13 -38.45
CA THR A 481 -21.66 24.16 -38.88
C THR A 481 -21.99 25.53 -39.49
N ASN A 482 -21.55 26.62 -38.84
CA ASN A 482 -21.85 28.02 -39.24
C ASN A 482 -20.87 28.51 -40.32
N GLY A 483 -19.82 27.72 -40.62
CA GLY A 483 -18.84 28.02 -41.69
C GLY A 483 -18.00 29.24 -41.36
N LEU A 484 -17.46 29.30 -40.14
CA LEU A 484 -16.68 30.45 -39.60
C LEU A 484 -15.26 29.97 -39.28
N GLU A 485 -14.28 30.88 -39.40
CA GLU A 485 -12.86 30.64 -39.00
C GLU A 485 -12.80 30.53 -37.48
N TYR A 486 -12.56 29.32 -36.96
CA TYR A 486 -12.54 28.98 -35.51
C TYR A 486 -11.50 29.84 -34.78
N ILE A 487 -10.25 29.74 -35.20
CA ILE A 487 -9.08 30.41 -34.55
C ILE A 487 -9.25 31.93 -34.62
N VAL A 488 -9.87 32.45 -35.69
CA VAL A 488 -10.20 33.89 -35.86
C VAL A 488 -11.42 34.22 -34.99
N GLY A 489 -12.40 33.31 -34.92
CA GLY A 489 -13.62 33.44 -34.10
C GLY A 489 -13.30 33.63 -32.63
N ARG A 490 -12.29 32.93 -32.11
CA ARG A 490 -11.83 32.98 -30.70
C ARG A 490 -11.21 34.35 -30.36
N VAL A 491 -10.70 35.07 -31.36
CA VAL A 491 -10.07 36.41 -31.18
C VAL A 491 -11.13 37.38 -30.64
N TRP A 492 -12.36 37.27 -31.13
CA TRP A 492 -13.50 38.15 -30.75
C TRP A 492 -14.06 37.73 -29.38
N ILE A 493 -14.06 36.43 -29.06
CA ILE A 493 -14.34 35.91 -27.69
C ILE A 493 -13.37 36.58 -26.72
N GLY A 494 -12.10 36.73 -27.12
CA GLY A 494 -11.02 37.35 -26.32
C GLY A 494 -11.23 38.83 -26.10
N PHE A 495 -11.61 39.58 -27.14
CA PHE A 495 -11.83 41.04 -27.10
C PHE A 495 -12.96 41.38 -26.13
N TRP A 496 -14.00 40.55 -26.08
CA TRP A 496 -15.16 40.70 -25.16
C TRP A 496 -14.71 40.43 -23.72
N LEU A 497 -13.97 39.34 -23.49
CA LEU A 497 -13.42 38.96 -22.15
C LEU A 497 -12.58 40.11 -21.58
N ILE A 498 -11.78 40.78 -22.42
CA ILE A 498 -10.96 41.97 -22.05
C ILE A 498 -11.90 43.12 -21.64
N LEU A 499 -12.97 43.36 -22.40
CA LEU A 499 -13.97 44.42 -22.13
C LEU A 499 -14.79 44.07 -20.88
N LEU A 500 -15.16 42.79 -20.73
CA LEU A 500 -16.10 42.31 -19.69
C LEU A 500 -15.41 42.27 -18.32
N VAL A 501 -14.14 41.85 -18.26
CA VAL A 501 -13.35 41.78 -16.99
C VAL A 501 -13.02 43.19 -16.52
N VAL A 502 -12.67 44.10 -17.44
CA VAL A 502 -12.37 45.53 -17.15
C VAL A 502 -13.63 46.19 -16.58
N LEU A 503 -14.81 45.86 -17.13
CA LEU A 503 -16.13 46.38 -16.68
C LEU A 503 -16.46 45.85 -15.28
N VAL A 504 -16.18 44.56 -15.02
CA VAL A 504 -16.46 43.88 -13.72
C VAL A 504 -15.51 44.43 -12.64
N VAL A 505 -14.20 44.53 -12.95
CA VAL A 505 -13.14 44.99 -12.01
C VAL A 505 -13.35 46.48 -11.68
N ALA A 506 -13.81 47.28 -12.65
CA ALA A 506 -14.13 48.72 -12.50
C ALA A 506 -15.18 48.91 -11.39
N PHE A 507 -16.29 48.18 -11.47
CA PHE A 507 -17.47 48.31 -10.59
C PHE A 507 -17.35 47.39 -9.35
N GLU A 508 -16.23 46.69 -9.20
CA GLU A 508 -15.90 45.83 -8.02
C GLU A 508 -16.89 44.66 -7.95
N GLY A 509 -17.02 43.90 -9.04
CA GLY A 509 -17.92 42.74 -9.15
C GLY A 509 -17.41 41.52 -8.40
N SER A 510 -16.11 41.52 -8.03
CA SER A 510 -15.47 40.47 -7.20
C SER A 510 -15.91 40.57 -5.73
N PHE A 511 -16.72 41.59 -5.38
CA PHE A 511 -17.40 41.70 -4.06
C PHE A 511 -18.51 40.65 -3.93
N LEU A 512 -18.99 40.07 -5.03
CA LEU A 512 -20.03 39.00 -5.02
C LEU A 512 -19.42 37.66 -4.58
N VAL A 513 -18.09 37.56 -4.53
CA VAL A 513 -17.34 36.38 -3.97
C VAL A 513 -17.54 36.38 -2.44
N ARG A 514 -17.88 37.53 -1.85
CA ARG A 514 -18.41 37.70 -0.46
C ARG A 514 -19.51 36.66 -0.17
N PHE A 515 -20.46 36.50 -1.11
CA PHE A 515 -21.71 35.72 -0.94
C PHE A 515 -21.44 34.21 -1.04
N ILE A 516 -20.35 33.80 -1.69
CA ILE A 516 -19.92 32.37 -1.82
C ILE A 516 -19.36 31.91 -0.47
N SER A 517 -20.14 31.12 0.27
CA SER A 517 -19.83 30.64 1.65
C SER A 517 -18.96 29.37 1.59
N ARG A 518 -18.70 28.75 2.75
CA ARG A 518 -18.02 27.43 2.87
C ARG A 518 -18.79 26.38 2.07
N TYR A 519 -20.11 26.33 2.25
CA TYR A 519 -21.05 25.36 1.61
C TYR A 519 -20.65 25.14 0.15
N THR A 520 -20.57 26.21 -0.63
CA THR A 520 -20.26 26.20 -2.08
C THR A 520 -18.80 25.79 -2.30
N GLN A 521 -17.87 26.37 -1.54
CA GLN A 521 -16.41 26.11 -1.63
C GLN A 521 -16.11 24.62 -1.43
N GLU A 522 -16.77 23.99 -0.45
CA GLU A 522 -16.55 22.55 -0.09
C GLU A 522 -17.08 21.65 -1.21
N ILE A 523 -18.33 21.89 -1.65
CA ILE A 523 -19.01 21.12 -2.75
C ILE A 523 -18.10 21.15 -3.99
N PHE A 524 -17.61 22.33 -4.37
CA PHE A 524 -16.70 22.53 -5.53
C PHE A 524 -15.40 21.77 -5.31
N SER A 525 -14.64 22.14 -4.27
CA SER A 525 -13.32 21.55 -3.90
C SER A 525 -13.41 20.02 -3.89
N PHE A 526 -14.51 19.47 -3.37
CA PHE A 526 -14.76 18.01 -3.27
C PHE A 526 -15.06 17.43 -4.66
N LEU A 527 -15.94 18.07 -5.41
CA LEU A 527 -16.34 17.66 -6.79
C LEU A 527 -15.10 17.63 -7.70
N ILE A 528 -14.31 18.71 -7.72
CA ILE A 528 -13.11 18.85 -8.59
C ILE A 528 -12.06 17.82 -8.18
N SER A 529 -11.93 17.53 -6.88
CA SER A 529 -10.99 16.52 -6.32
C SER A 529 -11.40 15.11 -6.74
N LEU A 530 -12.69 14.80 -6.74
CA LEU A 530 -13.23 13.46 -7.12
C LEU A 530 -13.09 13.26 -8.63
N ILE A 531 -13.53 14.24 -9.43
CA ILE A 531 -13.40 14.25 -10.92
C ILE A 531 -11.94 13.93 -11.29
N PHE A 532 -10.98 14.56 -10.60
CA PHE A 532 -9.52 14.39 -10.81
C PHE A 532 -9.13 12.93 -10.59
N ILE A 533 -9.64 12.32 -9.51
CA ILE A 533 -9.35 10.91 -9.12
C ILE A 533 -9.95 9.97 -10.17
N TYR A 534 -11.20 10.22 -10.58
CA TYR A 534 -11.92 9.45 -11.62
C TYR A 534 -11.16 9.54 -12.96
N GLU A 535 -10.78 10.76 -13.35
CA GLU A 535 -10.01 11.05 -14.59
C GLU A 535 -8.68 10.29 -14.56
N THR A 536 -8.02 10.25 -13.40
CA THR A 536 -6.73 9.54 -13.19
C THR A 536 -6.91 8.04 -13.39
N PHE A 537 -7.95 7.45 -12.77
CA PHE A 537 -8.24 6.00 -12.83
C PHE A 537 -8.71 5.61 -14.25
N SER A 538 -9.55 6.45 -14.88
CA SER A 538 -10.06 6.23 -16.26
C SER A 538 -8.89 6.14 -17.25
N LYS A 539 -7.82 6.91 -17.04
CA LYS A 539 -6.59 6.91 -17.88
C LYS A 539 -5.86 5.56 -17.76
N LEU A 540 -5.87 4.95 -16.57
CA LEU A 540 -5.29 3.60 -16.32
C LEU A 540 -6.13 2.53 -17.03
N ILE A 541 -7.45 2.61 -16.92
CA ILE A 541 -8.40 1.63 -17.56
C ILE A 541 -8.15 1.61 -19.07
N LYS A 542 -7.97 2.79 -19.68
CA LYS A 542 -7.74 2.97 -21.14
C LYS A 542 -6.50 2.16 -21.57
N ILE A 543 -5.47 2.07 -20.72
CA ILE A 543 -4.21 1.32 -20.99
C ILE A 543 -4.54 -0.18 -21.04
N PHE A 544 -5.35 -0.67 -20.11
CA PHE A 544 -5.82 -2.08 -20.08
C PHE A 544 -6.73 -2.36 -21.28
N GLN A 545 -7.56 -1.38 -21.66
CA GLN A 545 -8.45 -1.47 -22.86
C GLN A 545 -7.59 -1.50 -24.14
N ASP A 546 -6.53 -0.68 -24.18
CA ASP A 546 -5.59 -0.58 -25.33
C ASP A 546 -4.70 -1.83 -25.38
N HIS A 547 -4.22 -2.30 -24.22
CA HIS A 547 -3.24 -3.41 -24.06
C HIS A 547 -3.79 -4.49 -23.16
N PRO A 548 -4.88 -5.19 -23.56
CA PRO A 548 -5.48 -6.23 -22.72
C PRO A 548 -4.56 -7.44 -22.44
N LEU A 549 -4.86 -8.16 -21.35
CA LEU A 549 -4.15 -9.40 -20.95
C LEU A 549 -4.66 -10.53 -21.86
N GLN A 550 -3.96 -10.77 -22.97
CA GLN A 550 -4.26 -11.81 -23.98
C GLN A 550 -3.31 -13.00 -23.79
N LYS A 551 -3.69 -14.17 -24.30
CA LYS A 551 -2.89 -15.42 -24.23
C LYS A 551 -1.76 -15.32 -25.27
N THR A 552 -2.08 -14.82 -26.46
CA THR A 552 -1.15 -14.62 -27.61
C THR A 552 -1.28 -13.19 -28.13
N TYR A 553 -0.21 -12.66 -28.72
CA TYR A 553 -0.10 -11.30 -29.30
C TYR A 553 0.57 -11.38 -30.68
N ASN A 554 0.62 -10.24 -31.37
CA ASN A 554 1.39 -10.02 -32.63
C ASN A 554 2.67 -9.28 -32.24
N TYR A 555 3.82 -9.66 -32.81
CA TYR A 555 5.14 -9.01 -32.58
C TYR A 555 5.74 -8.54 -33.92
N ASN A 556 4.86 -8.25 -34.89
CA ASN A 556 5.14 -7.41 -36.08
C ASN A 556 4.31 -6.12 -35.97
N VAL A 557 3.84 -5.79 -34.77
CA VAL A 557 3.04 -4.56 -34.46
C VAL A 557 3.91 -3.33 -34.75
N LEU A 558 3.30 -2.29 -35.34
CA LEU A 558 3.95 -0.98 -35.66
C LEU A 558 3.71 -0.02 -34.49
N MET A 559 4.79 0.61 -33.99
CA MET A 559 4.74 1.65 -32.94
C MET A 559 5.07 2.96 -33.68
N VAL A 560 4.54 3.14 -34.90
CA VAL A 560 4.85 4.37 -35.69
C VAL A 560 4.48 5.59 -34.83
N PRO A 561 3.19 5.88 -34.54
CA PRO A 561 2.81 6.97 -33.65
C PRO A 561 2.51 6.41 -32.25
N LYS A 562 2.18 5.12 -32.17
CA LYS A 562 1.85 4.47 -30.89
C LYS A 562 1.67 2.97 -31.17
N PRO A 563 1.75 2.07 -30.15
CA PRO A 563 1.49 0.66 -30.38
C PRO A 563 0.20 0.51 -31.19
N GLN A 564 0.32 0.06 -32.45
CA GLN A 564 -0.87 -0.09 -33.33
C GLN A 564 -1.80 -1.17 -32.77
N GLY A 565 -1.23 -2.21 -32.16
CA GLY A 565 -2.04 -3.31 -31.60
C GLY A 565 -1.68 -3.57 -30.14
N PRO A 566 -2.30 -4.56 -29.48
CA PRO A 566 -2.06 -4.81 -28.05
C PRO A 566 -0.67 -5.42 -27.80
N LEU A 567 -0.06 -5.08 -26.66
CA LEU A 567 1.30 -5.54 -26.23
C LEU A 567 1.19 -6.32 -24.93
N PRO A 568 2.10 -7.30 -24.68
CA PRO A 568 2.19 -7.95 -23.37
C PRO A 568 2.94 -7.08 -22.33
N ASN A 569 2.52 -7.18 -21.06
CA ASN A 569 3.22 -6.66 -19.86
C ASN A 569 3.11 -5.12 -19.76
N THR A 570 2.44 -4.45 -20.70
CA THR A 570 2.35 -2.97 -20.76
C THR A 570 1.40 -2.46 -19.67
N ALA A 571 0.20 -3.03 -19.59
CA ALA A 571 -0.90 -2.56 -18.73
C ALA A 571 -0.62 -2.88 -17.26
N LEU A 572 -0.14 -4.10 -16.96
CA LEU A 572 0.17 -4.53 -15.57
C LEU A 572 1.37 -3.73 -15.03
N LEU A 573 2.35 -3.41 -15.89
CA LEU A 573 3.52 -2.59 -15.50
C LEU A 573 3.06 -1.17 -15.20
N SER A 574 2.17 -0.62 -16.03
CA SER A 574 1.52 0.70 -15.82
C SER A 574 0.78 0.72 -14.47
N LEU A 575 0.06 -0.35 -14.14
CA LEU A 575 -0.67 -0.52 -12.84
C LEU A 575 0.35 -0.52 -11.69
N VAL A 576 1.43 -1.30 -11.81
CA VAL A 576 2.50 -1.44 -10.80
C VAL A 576 3.18 -0.08 -10.63
N LEU A 577 3.58 0.56 -11.73
CA LEU A 577 4.28 1.88 -11.77
C LEU A 577 3.44 2.95 -11.06
N MET A 578 2.12 2.99 -11.35
CA MET A 578 1.14 3.90 -10.69
C MET A 578 1.10 3.58 -9.19
N ALA A 579 0.79 2.32 -8.83
CA ALA A 579 0.59 1.85 -7.45
C ALA A 579 1.85 2.12 -6.61
N GLY A 580 3.03 1.81 -7.17
CA GLY A 580 4.34 2.02 -6.51
C GLY A 580 4.59 3.48 -6.23
N THR A 581 4.30 4.35 -7.19
CA THR A 581 4.47 5.83 -7.11
C THR A 581 3.55 6.40 -6.01
N PHE A 582 2.28 6.01 -6.01
CA PHE A 582 1.26 6.46 -5.03
C PHE A 582 1.63 5.96 -3.62
N PHE A 583 2.08 4.70 -3.52
CA PHE A 583 2.54 4.06 -2.26
C PHE A 583 3.65 4.91 -1.64
N PHE A 584 4.80 5.02 -2.31
CA PHE A 584 6.01 5.74 -1.82
C PHE A 584 5.64 7.18 -1.43
N ALA A 585 4.80 7.85 -2.22
CA ALA A 585 4.31 9.23 -1.99
C ALA A 585 3.60 9.32 -0.65
N MET A 586 2.64 8.41 -0.41
CA MET A 586 1.83 8.35 0.84
C MET A 586 2.71 7.94 2.03
N MET A 587 3.66 7.02 1.83
CA MET A 587 4.58 6.53 2.89
C MET A 587 5.55 7.64 3.29
N LEU A 588 6.07 8.40 2.32
CA LEU A 588 7.03 9.52 2.57
C LEU A 588 6.31 10.71 3.23
N ARG A 589 4.99 10.80 3.09
CA ARG A 589 4.15 11.80 3.82
C ARG A 589 3.98 11.34 5.28
N LYS A 590 3.72 10.04 5.49
CA LYS A 590 3.65 9.40 6.83
C LYS A 590 5.00 9.58 7.54
N PHE A 591 6.10 9.33 6.81
CA PHE A 591 7.50 9.48 7.30
C PHE A 591 7.76 10.92 7.78
N LYS A 592 7.29 11.91 7.02
CA LYS A 592 7.44 13.36 7.33
C LYS A 592 6.87 13.67 8.72
N ASN A 593 5.70 13.11 9.04
CA ASN A 593 4.97 13.34 10.32
C ASN A 593 5.08 12.09 11.20
N SER A 594 6.30 11.56 11.35
CA SER A 594 6.65 10.39 12.21
C SER A 594 7.69 10.82 13.26
N SER A 595 8.17 9.86 14.05
CA SER A 595 9.23 10.04 15.09
C SER A 595 10.46 9.19 14.76
N TYR A 596 10.77 9.02 13.46
CA TYR A 596 11.90 8.21 12.93
C TYR A 596 12.90 9.25 12.40
N PHE A 597 14.17 9.11 12.62
CA PHE A 597 15.38 9.66 11.94
C PHE A 597 15.37 11.10 12.47
N PRO A 598 16.50 11.84 12.40
CA PRO A 598 16.54 13.23 12.88
C PRO A 598 15.57 14.18 12.15
N GLY A 599 15.08 15.20 12.87
CA GLY A 599 14.00 16.11 12.45
C GLY A 599 14.27 16.75 11.08
N LYS A 600 15.49 17.21 10.85
CA LYS A 600 15.91 17.91 9.59
C LYS A 600 15.84 16.92 8.41
N LEU A 601 16.49 15.77 8.54
CA LEU A 601 16.53 14.70 7.50
C LEU A 601 15.11 14.20 7.23
N ARG A 602 14.32 13.95 8.28
CA ARG A 602 12.91 13.49 8.21
C ARG A 602 12.06 14.52 7.46
N ARG A 603 12.28 15.82 7.73
CA ARG A 603 11.53 16.94 7.07
C ARG A 603 11.97 17.07 5.61
N VAL A 604 13.28 17.13 5.35
CA VAL A 604 13.88 17.31 3.99
C VAL A 604 13.37 16.20 3.07
N ILE A 605 13.52 14.93 3.47
CA ILE A 605 13.06 13.73 2.70
C ILE A 605 11.53 13.77 2.60
N GLY A 606 10.85 14.19 3.67
CA GLY A 606 9.39 14.39 3.71
C GLY A 606 8.92 15.45 2.73
N ASP A 607 9.63 16.60 2.67
CA ASP A 607 9.34 17.74 1.77
C ASP A 607 9.48 17.30 0.31
N PHE A 608 10.52 16.51 0.00
CA PHE A 608 10.77 15.91 -1.34
C PHE A 608 10.11 14.52 -1.40
N GLY A 609 8.85 14.42 -0.99
CA GLY A 609 8.08 13.16 -0.98
C GLY A 609 7.74 12.70 -2.39
N VAL A 610 7.15 13.60 -3.19
CA VAL A 610 6.72 13.31 -4.59
C VAL A 610 7.93 13.24 -5.51
N PRO A 611 8.86 14.23 -5.51
CA PRO A 611 10.09 14.12 -6.30
C PRO A 611 10.88 12.82 -6.13
N ILE A 612 10.96 12.28 -4.92
CA ILE A 612 11.62 10.96 -4.62
C ILE A 612 10.75 9.84 -5.20
N SER A 613 9.44 9.87 -4.97
CA SER A 613 8.45 8.86 -5.44
C SER A 613 8.50 8.74 -6.97
N ILE A 614 8.64 9.87 -7.68
CA ILE A 614 8.73 9.92 -9.17
C ILE A 614 10.09 9.32 -9.59
N LEU A 615 11.18 9.78 -9.00
CA LEU A 615 12.57 9.34 -9.33
C LEU A 615 12.67 7.82 -9.19
N ILE A 616 12.23 7.26 -8.05
CA ILE A 616 12.32 5.80 -7.73
C ILE A 616 11.66 4.99 -8.84
N MET A 617 10.46 5.38 -9.27
CA MET A 617 9.57 4.57 -10.15
C MET A 617 9.85 4.88 -11.64
N VAL A 618 10.42 6.05 -11.95
CA VAL A 618 10.96 6.38 -13.31
C VAL A 618 12.21 5.52 -13.54
N LEU A 619 13.00 5.28 -12.50
CA LEU A 619 14.21 4.40 -12.56
C LEU A 619 13.78 2.93 -12.73
N VAL A 620 12.74 2.50 -12.01
CA VAL A 620 12.15 1.13 -12.12
C VAL A 620 11.78 0.88 -13.58
N ASP A 621 11.15 1.86 -14.25
CA ASP A 621 10.72 1.79 -15.67
C ASP A 621 11.96 1.70 -16.58
N PHE A 622 12.98 2.51 -16.30
CA PHE A 622 14.21 2.64 -17.14
C PHE A 622 14.95 1.30 -17.23
N PHE A 623 15.08 0.59 -16.10
CA PHE A 623 15.84 -0.68 -15.99
C PHE A 623 15.02 -1.87 -16.50
N ILE A 624 13.73 -1.69 -16.78
CA ILE A 624 12.86 -2.66 -17.52
C ILE A 624 12.98 -2.32 -19.02
N GLN A 625 13.77 -3.10 -19.77
CA GLN A 625 14.18 -2.78 -21.17
C GLN A 625 13.04 -3.10 -22.14
N ASP A 626 12.69 -4.39 -22.27
CA ASP A 626 11.89 -4.95 -23.39
C ASP A 626 10.46 -4.39 -23.38
N THR A 627 9.80 -4.41 -22.23
CA THR A 627 8.37 -3.99 -22.05
C THR A 627 8.22 -2.50 -22.39
N TYR A 628 7.14 -2.16 -23.11
CA TYR A 628 6.77 -0.78 -23.52
C TYR A 628 5.82 -0.16 -22.48
N THR A 629 6.06 1.10 -22.13
CA THR A 629 5.13 1.99 -21.38
C THR A 629 4.96 3.30 -22.14
N GLN A 630 3.78 3.93 -22.04
CA GLN A 630 3.46 5.27 -22.59
C GLN A 630 4.28 6.31 -21.83
N LYS A 631 5.05 7.15 -22.56
CA LYS A 631 5.93 8.21 -21.99
C LYS A 631 5.39 9.59 -22.35
N LEU A 632 5.89 10.63 -21.69
CA LEU A 632 5.54 12.05 -21.96
C LEU A 632 6.16 12.46 -23.31
N SER A 633 5.32 12.75 -24.31
CA SER A 633 5.71 13.15 -25.69
C SER A 633 5.40 14.63 -25.91
N VAL A 634 6.42 15.49 -25.80
CA VAL A 634 6.33 16.95 -26.14
C VAL A 634 6.51 17.11 -27.65
N PRO A 635 6.05 18.23 -28.25
CA PRO A 635 6.32 18.53 -29.67
C PRO A 635 7.82 18.64 -30.02
N ASP A 636 8.14 18.60 -31.31
CA ASP A 636 9.53 18.61 -31.86
C ASP A 636 10.22 19.93 -31.51
N GLY A 637 9.53 21.05 -31.74
CA GLY A 637 10.02 22.41 -31.42
C GLY A 637 8.89 23.40 -31.20
N PHE A 638 9.23 24.68 -31.02
CA PHE A 638 8.27 25.80 -30.81
C PHE A 638 7.70 26.23 -32.16
N LYS A 639 6.79 25.42 -32.70
CA LYS A 639 6.10 25.64 -34.00
C LYS A 639 4.59 25.58 -33.78
N VAL A 640 3.83 26.39 -34.54
CA VAL A 640 2.34 26.33 -34.58
C VAL A 640 1.93 24.93 -35.07
N SER A 641 0.81 24.41 -34.55
CA SER A 641 0.38 22.99 -34.66
C SER A 641 0.01 22.61 -36.10
N ASN A 642 -0.52 23.56 -36.86
CA ASN A 642 -0.97 23.32 -38.25
C ASN A 642 -0.73 24.60 -39.06
N SER A 643 0.52 24.84 -39.47
CA SER A 643 0.86 26.09 -40.19
C SER A 643 -0.05 26.24 -41.41
N SER A 644 -0.49 25.12 -41.99
CA SER A 644 -1.37 25.15 -43.18
C SER A 644 -2.71 25.81 -42.81
N ALA A 645 -2.96 26.05 -41.52
CA ALA A 645 -4.28 26.59 -41.11
C ALA A 645 -4.12 27.97 -40.45
N ARG A 646 -2.89 28.40 -40.18
CA ARG A 646 -2.69 29.67 -39.43
C ARG A 646 -1.19 29.98 -39.24
N GLY A 647 -0.88 31.22 -38.86
CA GLY A 647 0.44 31.64 -38.35
C GLY A 647 0.44 31.71 -36.84
N TRP A 648 1.26 32.58 -36.26
CA TRP A 648 1.31 32.86 -34.80
C TRP A 648 0.23 33.91 -34.46
N VAL A 649 0.36 35.12 -35.01
CA VAL A 649 -0.62 36.24 -34.82
C VAL A 649 -1.83 35.98 -35.73
N ILE A 650 -3.03 35.93 -35.15
CA ILE A 650 -4.32 35.67 -35.86
C ILE A 650 -4.94 37.03 -36.23
N HIS A 651 -5.26 37.23 -37.51
CA HIS A 651 -5.89 38.46 -38.06
C HIS A 651 -7.38 38.45 -37.76
N PRO A 652 -7.92 39.41 -36.97
CA PRO A 652 -9.35 39.45 -36.66
C PRO A 652 -10.30 39.46 -37.86
N LEU A 653 -9.96 40.21 -38.91
CA LEU A 653 -10.84 40.40 -40.11
C LEU A 653 -10.86 39.12 -40.97
N GLY A 654 -9.85 38.25 -40.83
CA GLY A 654 -9.83 36.89 -41.42
C GLY A 654 -8.47 36.52 -41.99
N LEU A 655 -8.24 35.21 -42.18
CA LEU A 655 -7.00 34.62 -42.74
C LEU A 655 -7.24 34.22 -44.20
N ARG A 656 -8.19 33.30 -44.44
CA ARG A 656 -8.57 32.79 -45.78
C ARG A 656 -9.78 33.59 -46.29
N SER A 657 -10.95 33.39 -45.66
CA SER A 657 -12.24 34.04 -45.98
C SER A 657 -12.43 35.29 -45.12
N GLU A 658 -13.22 36.25 -45.61
CA GLU A 658 -13.55 37.51 -44.89
C GLU A 658 -14.46 37.15 -43.70
N PHE A 659 -14.03 37.47 -42.47
CA PHE A 659 -14.75 37.17 -41.20
C PHE A 659 -15.99 38.05 -41.12
N PRO A 660 -17.20 37.48 -40.88
CA PRO A 660 -18.43 38.26 -40.90
C PRO A 660 -18.62 39.15 -39.66
N ILE A 661 -19.56 40.10 -39.74
CA ILE A 661 -19.78 41.17 -38.71
C ILE A 661 -20.76 40.67 -37.64
N TRP A 662 -21.68 39.77 -37.99
CA TRP A 662 -22.71 39.23 -37.05
C TRP A 662 -22.02 38.51 -35.88
N MET A 663 -20.93 37.79 -36.15
CA MET A 663 -20.15 37.03 -35.13
C MET A 663 -19.36 37.98 -34.23
N MET A 664 -18.88 39.11 -34.78
CA MET A 664 -18.06 40.11 -34.04
C MET A 664 -18.83 40.66 -32.84
N PHE A 665 -20.15 40.76 -32.95
CA PHE A 665 -21.08 41.21 -31.86
C PHE A 665 -21.60 40.00 -31.09
N ALA A 666 -21.99 38.93 -31.79
CA ALA A 666 -22.57 37.69 -31.22
C ALA A 666 -21.55 36.92 -30.37
N SER A 667 -20.26 37.21 -30.53
CA SER A 667 -19.13 36.65 -29.73
C SER A 667 -19.30 36.94 -28.24
N ALA A 668 -20.01 38.02 -27.88
CA ALA A 668 -20.31 38.44 -26.49
C ALA A 668 -20.89 37.27 -25.67
N LEU A 669 -21.82 36.50 -26.25
CA LEU A 669 -22.54 35.40 -25.57
C LEU A 669 -21.57 34.27 -25.18
N PRO A 670 -20.80 33.66 -26.12
CA PRO A 670 -19.74 32.72 -25.74
C PRO A 670 -18.65 33.32 -24.84
N ALA A 671 -18.36 34.62 -24.96
CA ALA A 671 -17.39 35.36 -24.12
C ALA A 671 -17.91 35.48 -22.68
N LEU A 672 -19.22 35.73 -22.53
CA LEU A 672 -19.91 35.79 -21.22
C LEU A 672 -19.89 34.41 -20.56
N LEU A 673 -20.05 33.34 -21.34
CA LEU A 673 -20.01 31.93 -20.86
C LEU A 673 -18.59 31.59 -20.37
N VAL A 674 -17.58 31.89 -21.19
CA VAL A 674 -16.13 31.65 -20.88
C VAL A 674 -15.76 32.44 -19.63
N PHE A 675 -16.25 33.68 -19.48
CA PHE A 675 -16.02 34.55 -18.30
C PHE A 675 -16.49 33.85 -17.02
N ILE A 676 -17.75 33.39 -17.01
CA ILE A 676 -18.38 32.68 -15.85
C ILE A 676 -17.52 31.47 -15.50
N LEU A 677 -17.19 30.63 -16.48
CA LEU A 677 -16.34 29.41 -16.33
C LEU A 677 -15.06 29.76 -15.58
N ILE A 678 -14.35 30.81 -16.05
CA ILE A 678 -13.02 31.23 -15.51
C ILE A 678 -13.21 31.92 -14.16
N PHE A 679 -14.19 32.83 -14.05
CA PHE A 679 -14.50 33.60 -12.82
C PHE A 679 -14.79 32.64 -11.67
N LEU A 680 -15.86 31.83 -11.79
CA LEU A 680 -16.30 30.87 -10.75
C LEU A 680 -15.11 30.03 -10.28
N GLU A 681 -14.47 29.31 -11.21
CA GLU A 681 -13.34 28.39 -10.93
C GLU A 681 -12.23 29.13 -10.18
N SER A 682 -11.80 30.28 -10.72
CA SER A 682 -10.62 31.04 -10.24
C SER A 682 -10.90 31.69 -8.87
N GLN A 683 -12.04 32.36 -8.74
CA GLN A 683 -12.45 33.09 -7.51
C GLN A 683 -12.71 32.10 -6.38
N ILE A 684 -13.33 30.95 -6.66
CA ILE A 684 -13.60 29.87 -5.65
C ILE A 684 -12.27 29.24 -5.24
N THR A 685 -11.34 29.04 -6.17
CA THR A 685 -9.98 28.50 -5.90
C THR A 685 -9.25 29.46 -4.95
N THR A 686 -9.36 30.77 -5.18
CA THR A 686 -8.75 31.85 -4.35
C THR A 686 -9.33 31.80 -2.93
N LEU A 687 -10.64 31.64 -2.78
CA LEU A 687 -11.33 31.48 -1.48
C LEU A 687 -10.72 30.28 -0.73
N ILE A 688 -10.71 29.11 -1.38
CA ILE A 688 -10.26 27.81 -0.80
C ILE A 688 -8.79 27.93 -0.37
N VAL A 689 -7.96 28.52 -1.23
CA VAL A 689 -6.49 28.68 -1.00
C VAL A 689 -6.27 29.68 0.16
N SER A 690 -6.99 30.81 0.16
CA SER A 690 -6.83 31.92 1.14
C SER A 690 -7.91 31.84 2.22
N LYS A 691 -8.11 30.65 2.82
CA LYS A 691 -9.04 30.43 3.96
C LYS A 691 -8.36 30.90 5.24
N PRO A 692 -9.11 31.32 6.28
CA PRO A 692 -8.52 31.63 7.59
C PRO A 692 -7.76 30.47 8.25
N GLU A 693 -8.27 29.24 8.14
CA GLU A 693 -7.67 28.03 8.78
C GLU A 693 -6.26 27.80 8.20
N ARG A 694 -6.06 28.07 6.91
CA ARG A 694 -4.72 28.04 6.24
C ARG A 694 -4.00 29.34 6.57
N LYS A 695 -2.79 29.26 7.15
CA LYS A 695 -2.07 30.41 7.74
C LYS A 695 -1.47 31.25 6.61
N MET A 696 -2.31 32.03 5.94
CA MET A 696 -1.97 32.91 4.78
C MET A 696 -2.01 34.37 5.26
N VAL A 697 -0.84 34.93 5.62
CA VAL A 697 -0.71 36.25 6.30
C VAL A 697 -0.81 37.37 5.27
N LYS A 698 -0.20 37.19 4.08
CA LYS A 698 -0.11 38.22 3.01
C LYS A 698 -1.48 38.60 2.42
N GLY A 699 -2.36 37.61 2.22
CA GLY A 699 -3.77 37.81 1.82
C GLY A 699 -3.93 37.87 0.31
N SER A 700 -5.04 37.32 -0.20
CA SER A 700 -5.36 37.20 -1.64
C SER A 700 -6.15 38.42 -2.12
N GLY A 701 -5.96 38.81 -3.40
CA GLY A 701 -6.67 39.92 -4.06
C GLY A 701 -7.51 39.42 -5.22
N PHE A 702 -8.84 39.38 -5.02
CA PHE A 702 -9.82 38.76 -5.95
C PHE A 702 -9.97 39.62 -7.23
N HIS A 703 -9.73 40.92 -7.15
CA HIS A 703 -9.87 41.89 -8.29
C HIS A 703 -8.66 41.76 -9.22
N LEU A 704 -7.44 41.83 -8.66
CA LEU A 704 -6.16 41.79 -9.42
C LEU A 704 -6.04 40.43 -10.11
N ASP A 705 -6.28 39.33 -9.38
CA ASP A 705 -6.17 37.93 -9.88
C ASP A 705 -7.13 37.72 -11.05
N LEU A 706 -8.37 38.19 -10.94
CA LEU A 706 -9.43 38.09 -11.98
C LEU A 706 -9.02 38.90 -13.21
N LEU A 707 -8.53 40.12 -13.02
CA LEU A 707 -8.14 41.06 -14.11
C LEU A 707 -7.05 40.41 -14.97
N LEU A 708 -6.05 39.79 -14.34
CA LEU A 708 -4.92 39.11 -15.03
C LEU A 708 -5.42 37.87 -15.76
N VAL A 709 -5.97 36.90 -15.03
CA VAL A 709 -6.36 35.56 -15.56
C VAL A 709 -7.20 35.74 -16.83
N VAL A 710 -8.31 36.46 -16.73
CA VAL A 710 -9.30 36.65 -17.84
C VAL A 710 -8.72 37.59 -18.90
N GLY A 711 -8.05 38.68 -18.48
CA GLY A 711 -7.42 39.68 -19.36
C GLY A 711 -6.37 39.04 -20.27
N MET A 712 -5.43 38.31 -19.67
CA MET A 712 -4.34 37.58 -20.37
C MET A 712 -4.95 36.57 -21.36
N GLY A 713 -5.97 35.83 -20.91
CA GLY A 713 -6.73 34.86 -21.72
C GLY A 713 -7.26 35.48 -23.01
N GLY A 714 -7.80 36.70 -22.91
CA GLY A 714 -8.31 37.48 -24.06
C GLY A 714 -7.19 37.87 -25.02
N VAL A 715 -6.06 38.32 -24.47
CA VAL A 715 -4.84 38.71 -25.24
C VAL A 715 -4.24 37.46 -25.90
N ALA A 716 -4.26 36.32 -25.19
CA ALA A 716 -3.73 35.02 -25.67
C ALA A 716 -4.50 34.55 -26.91
N ALA A 717 -5.81 34.82 -26.96
CA ALA A 717 -6.71 34.42 -28.07
C ALA A 717 -6.30 35.10 -29.38
N LEU A 718 -5.78 36.33 -29.32
CA LEU A 718 -5.26 37.10 -30.47
C LEU A 718 -4.08 36.35 -31.12
N PHE A 719 -3.28 35.65 -30.32
CA PHE A 719 -2.12 34.83 -30.76
C PHE A 719 -2.53 33.37 -31.00
N GLY A 720 -3.85 33.09 -31.06
CA GLY A 720 -4.40 31.74 -31.27
C GLY A 720 -3.91 30.74 -30.24
N MET A 721 -3.84 31.16 -28.97
CA MET A 721 -3.46 30.30 -27.82
C MET A 721 -4.65 30.18 -26.87
N PRO A 722 -4.76 29.09 -26.08
CA PRO A 722 -5.90 28.90 -25.19
C PRO A 722 -5.87 29.84 -23.98
N TRP A 723 -7.00 30.46 -23.65
CA TRP A 723 -7.22 31.15 -22.34
C TRP A 723 -7.28 30.09 -21.23
N LEU A 724 -6.88 30.48 -20.01
CA LEU A 724 -6.67 29.55 -18.87
C LEU A 724 -7.52 30.02 -17.68
N SER A 725 -7.46 29.27 -16.58
CA SER A 725 -8.11 29.57 -15.28
C SER A 725 -7.18 29.15 -14.14
N ALA A 726 -7.37 29.73 -12.95
CA ALA A 726 -6.69 29.31 -11.71
C ALA A 726 -7.30 27.97 -11.26
N THR A 727 -6.69 26.86 -11.70
CA THR A 727 -7.19 25.47 -11.50
C THR A 727 -7.05 25.09 -10.02
N THR A 728 -8.08 24.43 -9.48
CA THR A 728 -8.27 24.19 -8.02
C THR A 728 -7.24 23.18 -7.50
N VAL A 729 -7.25 21.95 -8.01
CA VAL A 729 -6.41 20.82 -7.50
C VAL A 729 -4.94 21.24 -7.52
N ARG A 730 -4.46 21.84 -8.62
CA ARG A 730 -3.05 22.31 -8.75
C ARG A 730 -2.77 23.42 -7.72
N SER A 731 -3.61 24.46 -7.70
CA SER A 731 -3.50 25.63 -6.77
C SER A 731 -3.52 25.15 -5.32
N VAL A 732 -4.51 24.31 -4.97
CA VAL A 732 -4.66 23.64 -3.64
C VAL A 732 -3.36 22.86 -3.34
N THR A 733 -2.94 22.00 -4.27
CA THR A 733 -1.73 21.13 -4.14
C THR A 733 -0.50 22.01 -3.96
N HIS A 734 -0.42 23.11 -4.70
CA HIS A 734 0.72 24.08 -4.69
C HIS A 734 0.85 24.70 -3.30
N ALA A 735 -0.26 25.22 -2.76
CA ALA A 735 -0.39 25.77 -1.39
C ALA A 735 0.02 24.70 -0.37
N ASN A 736 -0.50 23.49 -0.51
CA ASN A 736 -0.23 22.32 0.38
C ASN A 736 1.26 21.96 0.33
N ALA A 737 1.90 22.07 -0.84
CA ALA A 737 3.33 21.76 -1.05
C ALA A 737 4.22 22.80 -0.35
N LEU A 738 3.67 23.97 -0.02
CA LEU A 738 4.39 25.11 0.61
C LEU A 738 3.93 25.29 2.07
N THR A 739 3.11 24.39 2.60
CA THR A 739 2.58 24.41 3.99
C THR A 739 3.48 23.57 4.91
N VAL A 740 3.95 24.16 6.02
CA VAL A 740 4.77 23.46 7.06
C VAL A 740 3.82 22.84 8.10
N MET A 741 4.29 21.79 8.78
CA MET A 741 3.53 21.05 9.84
C MET A 741 4.43 20.84 11.05
N GLY A 742 3.85 20.96 12.26
CA GLY A 742 4.55 20.79 13.56
C GLY A 742 3.72 19.97 14.54
N LYS A 743 4.39 19.43 15.57
CA LYS A 743 3.80 18.61 16.65
C LYS A 743 3.26 17.30 16.06
N ALA A 751 -1.48 17.42 14.80
CA ALA A 751 -0.60 18.37 14.06
C ALA A 751 -1.43 19.52 13.48
N GLN A 752 -0.84 20.72 13.43
CA GLN A 752 -1.47 21.96 12.90
C GLN A 752 -0.50 22.67 11.95
N ILE A 753 -0.95 23.76 11.32
CA ILE A 753 -0.16 24.62 10.38
C ILE A 753 0.41 25.80 11.16
N GLN A 754 1.72 26.04 11.04
CA GLN A 754 2.43 27.21 11.65
C GLN A 754 2.32 28.41 10.70
N GLU A 755 2.86 28.27 9.49
CA GLU A 755 2.75 29.28 8.40
C GLU A 755 2.95 28.61 7.03
N VAL A 756 2.37 29.18 5.98
CA VAL A 756 2.56 28.75 4.55
C VAL A 756 3.69 29.59 3.96
N LYS A 757 4.52 28.98 3.10
CA LYS A 757 5.65 29.65 2.40
C LYS A 757 5.07 30.41 1.20
N GLU A 758 4.58 31.63 1.45
CA GLU A 758 3.90 32.50 0.45
C GLU A 758 4.95 33.27 -0.35
N GLN A 759 5.08 32.97 -1.64
CA GLN A 759 6.13 33.53 -2.53
C GLN A 759 5.71 33.35 -4.00
N ARG A 760 6.38 34.07 -4.91
CA ARG A 760 6.07 34.14 -6.35
C ARG A 760 6.98 33.21 -7.18
N ILE A 761 8.02 32.65 -6.57
CA ILE A 761 9.11 31.94 -7.31
C ILE A 761 8.63 30.53 -7.68
N SER A 762 7.91 29.84 -6.80
CA SER A 762 7.40 28.46 -7.04
C SER A 762 6.45 28.46 -8.25
N GLY A 763 5.48 29.39 -8.26
CA GLY A 763 4.53 29.58 -9.37
C GLY A 763 5.23 30.00 -10.66
N LEU A 764 6.22 30.89 -10.55
CA LEU A 764 7.06 31.37 -11.69
C LEU A 764 7.82 30.19 -12.30
N LEU A 765 8.62 29.49 -11.48
CA LEU A 765 9.52 28.38 -11.92
C LEU A 765 8.71 27.28 -12.61
N VAL A 766 7.54 26.92 -12.06
CA VAL A 766 6.61 25.89 -12.65
C VAL A 766 6.20 26.34 -14.06
N ALA A 767 5.85 27.62 -14.23
CA ALA A 767 5.42 28.22 -15.51
C ALA A 767 6.58 28.18 -16.52
N VAL A 768 7.77 28.64 -16.10
CA VAL A 768 9.00 28.68 -16.95
C VAL A 768 9.34 27.25 -17.41
N LEU A 769 9.32 26.29 -16.48
CA LEU A 769 9.68 24.87 -16.76
C LEU A 769 8.70 24.26 -17.77
N VAL A 770 7.40 24.55 -17.64
CA VAL A 770 6.34 24.12 -18.60
C VAL A 770 6.64 24.70 -19.99
N GLY A 771 7.11 25.95 -20.05
CA GLY A 771 7.56 26.61 -21.28
C GLY A 771 8.76 25.90 -21.89
N LEU A 772 9.71 25.47 -21.05
CA LEU A 772 10.98 24.82 -21.47
C LEU A 772 10.78 23.33 -21.76
N SER A 773 9.60 22.76 -21.43
CA SER A 773 9.28 21.31 -21.55
C SER A 773 9.63 20.78 -22.96
N ILE A 774 9.39 21.57 -24.00
CA ILE A 774 9.70 21.22 -25.43
C ILE A 774 11.21 20.99 -25.58
N LEU A 775 12.04 21.82 -24.94
CA LEU A 775 13.53 21.75 -25.03
C LEU A 775 14.06 20.55 -24.25
N MET A 776 13.49 20.24 -23.09
CA MET A 776 13.93 19.13 -22.19
C MET A 776 13.14 17.85 -22.51
N GLU A 777 13.08 17.48 -23.79
CA GLU A 777 12.43 16.25 -24.31
C GLU A 777 13.18 15.00 -23.81
N PRO A 778 14.53 14.96 -23.86
CA PRO A 778 15.28 13.77 -23.39
C PRO A 778 14.95 13.32 -21.95
N ILE A 779 14.73 14.27 -21.04
CA ILE A 779 14.40 14.01 -19.61
C ILE A 779 12.95 13.49 -19.51
N LEU A 780 12.02 14.15 -20.21
CA LEU A 780 10.55 13.84 -20.15
C LEU A 780 10.25 12.53 -20.89
N SER A 781 10.97 12.25 -21.99
CA SER A 781 10.74 11.07 -22.87
C SER A 781 10.98 9.74 -22.15
N ARG A 782 11.75 9.75 -21.05
CA ARG A 782 12.03 8.56 -20.20
C ARG A 782 10.96 8.39 -19.12
N ILE A 783 10.28 9.48 -18.72
CA ILE A 783 9.25 9.48 -17.64
C ILE A 783 7.96 8.89 -18.19
N PRO A 784 7.45 7.76 -17.64
CA PRO A 784 6.16 7.21 -18.08
C PRO A 784 4.97 7.95 -17.47
N LEU A 785 3.80 7.87 -18.14
CA LEU A 785 2.54 8.47 -17.68
C LEU A 785 2.02 7.70 -16.46
N ALA A 786 2.30 6.40 -16.39
CA ALA A 786 1.94 5.48 -15.29
C ALA A 786 2.38 6.08 -13.94
N VAL A 787 3.63 6.56 -13.86
CA VAL A 787 4.22 7.20 -12.65
C VAL A 787 3.42 8.47 -12.32
N LEU A 788 3.21 9.33 -13.32
CA LEU A 788 2.44 10.60 -13.23
C LEU A 788 1.04 10.34 -12.64
N PHE A 789 0.40 9.21 -12.97
CA PHE A 789 -0.96 8.84 -12.50
C PHE A 789 -0.95 8.58 -11.00
N GLY A 790 0.09 7.93 -10.48
CA GLY A 790 0.32 7.71 -9.04
C GLY A 790 0.41 9.02 -8.27
N ILE A 791 0.97 10.05 -8.90
CA ILE A 791 1.13 11.43 -8.33
C ILE A 791 -0.21 12.17 -8.40
N PHE A 792 -1.05 11.92 -9.41
CA PHE A 792 -2.39 12.52 -9.56
C PHE A 792 -3.35 11.94 -8.52
N LEU A 793 -3.21 10.65 -8.21
CA LEU A 793 -4.00 9.97 -7.16
C LEU A 793 -3.64 10.56 -5.79
N TYR A 794 -2.34 10.78 -5.55
CA TYR A 794 -1.79 11.44 -4.33
C TYR A 794 -2.35 12.85 -4.22
N MET A 795 -2.31 13.62 -5.31
CA MET A 795 -2.87 14.98 -5.43
C MET A 795 -4.36 14.97 -5.12
N GLY A 796 -5.11 14.06 -5.75
CA GLY A 796 -6.57 13.92 -5.59
C GLY A 796 -6.95 13.65 -4.14
N VAL A 797 -6.25 12.72 -3.49
CA VAL A 797 -6.52 12.28 -2.09
C VAL A 797 -6.14 13.41 -1.13
N THR A 798 -4.94 13.98 -1.30
CA THR A 798 -4.34 15.01 -0.40
C THR A 798 -5.19 16.29 -0.42
N SER A 799 -5.82 16.61 -1.56
CA SER A 799 -6.65 17.84 -1.77
C SER A 799 -7.92 17.82 -0.91
N LEU A 800 -8.34 16.65 -0.41
CA LEU A 800 -9.57 16.48 0.41
C LEU A 800 -9.31 16.85 1.88
N SER A 801 -8.05 16.99 2.29
CA SER A 801 -7.58 17.17 3.70
C SER A 801 -8.45 18.18 4.46
N GLY A 802 -8.43 19.46 4.06
CA GLY A 802 -9.03 20.58 4.80
C GLY A 802 -10.43 20.91 4.34
N ILE A 803 -11.22 19.91 3.95
CA ILE A 803 -12.65 20.05 3.51
C ILE A 803 -13.52 19.47 4.65
N GLN A 804 -14.30 20.33 5.31
CA GLN A 804 -15.21 19.96 6.43
C GLN A 804 -16.31 19.01 5.94
N LEU A 805 -16.73 19.13 4.67
CA LEU A 805 -17.68 18.20 4.01
C LEU A 805 -17.10 16.78 4.05
N PHE A 806 -15.89 16.60 3.53
CA PHE A 806 -15.17 15.30 3.51
C PHE A 806 -14.98 14.78 4.94
N ASP A 807 -14.63 15.66 5.87
CA ASP A 807 -14.49 15.34 7.32
C ASP A 807 -15.82 14.82 7.85
N ARG A 808 -16.94 15.41 7.44
CA ARG A 808 -18.32 15.03 7.86
C ARG A 808 -18.79 13.78 7.11
N ILE A 809 -18.29 13.52 5.89
CA ILE A 809 -18.61 12.27 5.11
C ILE A 809 -18.04 11.06 5.88
N LEU A 810 -16.88 11.21 6.51
CA LEU A 810 -16.22 10.14 7.33
C LEU A 810 -17.02 9.90 8.62
N LEU A 811 -17.70 10.91 9.17
CA LEU A 811 -18.49 10.80 10.43
C LEU A 811 -19.78 10.00 10.19
N LEU A 812 -20.25 9.87 8.95
CA LEU A 812 -21.42 9.04 8.58
C LEU A 812 -21.14 7.57 8.95
N PHE A 813 -19.89 7.14 8.83
CA PHE A 813 -19.42 5.74 9.05
C PHE A 813 -18.99 5.55 10.50
N LYS A 814 -18.23 6.51 11.06
CA LYS A 814 -17.78 6.52 12.48
C LYS A 814 -19.00 6.55 13.39
N PRO A 815 -19.00 5.80 14.53
CA PRO A 815 -20.04 5.95 15.55
C PRO A 815 -19.96 7.32 16.23
N PRO A 816 -21.07 7.82 16.82
CA PRO A 816 -21.10 9.17 17.42
C PRO A 816 -20.24 9.32 18.70
N LYS A 817 -19.83 8.21 19.32
CA LYS A 817 -18.96 8.20 20.54
C LYS A 817 -17.54 8.64 20.18
N TYR A 818 -17.06 8.29 18.98
CA TYR A 818 -15.68 8.56 18.49
C TYR A 818 -15.69 9.69 17.45
N HIS A 819 -16.41 10.78 17.74
CA HIS A 819 -16.52 11.98 16.86
C HIS A 819 -15.44 12.99 17.26
N PRO A 820 -14.99 13.88 16.32
CA PRO A 820 -13.83 14.75 16.54
C PRO A 820 -13.91 15.86 17.60
N ASP A 821 -15.08 16.05 18.24
CA ASP A 821 -15.30 17.02 19.35
C ASP A 821 -15.14 18.47 18.85
N VAL A 822 -15.51 18.74 17.58
CA VAL A 822 -15.46 20.08 16.92
C VAL A 822 -16.86 20.70 17.02
N PRO A 823 -17.07 22.02 16.77
CA PRO A 823 -18.32 22.69 17.14
C PRO A 823 -19.61 22.02 16.63
N TYR A 824 -19.69 21.75 15.32
CA TYR A 824 -20.85 21.10 14.65
C TYR A 824 -21.04 19.66 15.16
N VAL A 825 -19.99 19.03 15.69
CA VAL A 825 -20.05 17.68 16.33
C VAL A 825 -20.71 17.92 17.70
N LYS A 826 -20.34 19.01 18.37
CA LYS A 826 -20.89 19.32 19.72
C LYS A 826 -22.24 20.04 19.58
N ARG A 827 -22.23 21.30 19.12
CA ARG A 827 -23.51 22.06 19.06
C ARG A 827 -24.67 21.30 18.39
N VAL A 828 -24.49 20.87 17.14
CA VAL A 828 -25.57 20.20 16.38
C VAL A 828 -25.72 18.71 16.72
N LYS A 829 -26.96 18.20 16.75
CA LYS A 829 -27.29 16.77 16.98
C LYS A 829 -26.74 15.94 15.81
N THR A 830 -26.40 14.67 16.08
CA THR A 830 -25.72 13.75 15.13
C THR A 830 -26.54 13.61 13.84
N TRP A 831 -27.85 13.40 13.96
CA TRP A 831 -28.78 13.18 12.81
C TRP A 831 -28.96 14.48 12.00
N ARG A 832 -28.85 15.64 12.66
CA ARG A 832 -28.94 16.98 12.01
C ARG A 832 -27.66 17.23 11.20
N MET A 833 -26.49 16.96 11.80
CA MET A 833 -25.15 17.07 11.16
C MET A 833 -25.12 16.20 9.90
N HIS A 834 -25.60 14.96 10.00
CA HIS A 834 -25.57 13.96 8.89
C HIS A 834 -26.59 14.34 7.81
N LEU A 835 -27.71 14.98 8.18
CA LEU A 835 -28.74 15.47 7.23
C LEU A 835 -28.13 16.58 6.37
N PHE A 836 -27.42 17.53 6.99
CA PHE A 836 -26.71 18.66 6.34
C PHE A 836 -25.66 18.11 5.38
N THR A 837 -24.89 17.12 5.81
CA THR A 837 -23.89 16.37 4.98
C THR A 837 -24.63 15.66 3.84
N GLY A 838 -25.82 15.12 4.12
CA GLY A 838 -26.72 14.50 3.13
C GLY A 838 -27.12 15.44 2.02
N ILE A 839 -27.34 16.73 2.32
CA ILE A 839 -27.78 17.74 1.30
C ILE A 839 -26.61 18.01 0.35
N GLN A 840 -25.38 18.05 0.88
CA GLN A 840 -24.15 18.32 0.09
C GLN A 840 -23.81 17.12 -0.81
N ILE A 841 -24.12 15.89 -0.37
CA ILE A 841 -23.95 14.65 -1.21
C ILE A 841 -24.92 14.74 -2.39
N ILE A 842 -26.16 15.16 -2.16
CA ILE A 842 -27.23 15.29 -3.21
C ILE A 842 -26.78 16.34 -4.23
N CYS A 843 -26.14 17.43 -3.78
CA CYS A 843 -25.57 18.51 -4.64
C CYS A 843 -24.45 17.91 -5.52
N LEU A 844 -23.48 17.23 -4.90
CA LEU A 844 -22.32 16.59 -5.58
C LEU A 844 -22.81 15.63 -6.67
N ALA A 845 -23.83 14.81 -6.36
CA ALA A 845 -24.48 13.86 -7.28
C ALA A 845 -25.03 14.61 -8.50
N VAL A 846 -25.79 15.68 -8.26
CA VAL A 846 -26.40 16.55 -9.32
C VAL A 846 -25.28 17.20 -10.14
N LEU A 847 -24.25 17.73 -9.48
CA LEU A 847 -23.06 18.35 -10.11
C LEU A 847 -22.34 17.33 -11.00
N TRP A 848 -22.26 16.06 -10.56
CA TRP A 848 -21.58 14.95 -11.27
C TRP A 848 -22.38 14.52 -12.50
N VAL A 849 -23.72 14.54 -12.42
CA VAL A 849 -24.64 14.21 -13.55
C VAL A 849 -24.53 15.31 -14.62
N VAL A 850 -24.51 16.58 -14.20
CA VAL A 850 -24.37 17.78 -15.08
C VAL A 850 -23.00 17.72 -15.79
N LYS A 851 -21.95 17.26 -15.10
CA LYS A 851 -20.59 17.05 -15.65
C LYS A 851 -20.64 15.97 -16.74
N SER A 852 -21.40 14.88 -16.52
CA SER A 852 -21.50 13.70 -17.42
C SER A 852 -22.30 14.04 -18.68
N THR A 853 -23.44 14.73 -18.53
CA THR A 853 -24.41 15.04 -19.62
C THR A 853 -23.78 15.99 -20.64
N PRO A 854 -24.34 16.09 -21.87
CA PRO A 854 -23.87 17.04 -22.88
C PRO A 854 -23.79 18.51 -22.41
N ALA A 855 -24.70 18.93 -21.51
CA ALA A 855 -24.73 20.27 -20.90
C ALA A 855 -23.72 20.34 -19.74
N SER A 856 -22.42 20.27 -20.06
CA SER A 856 -21.28 20.33 -19.12
C SER A 856 -20.79 21.78 -18.95
N LEU A 857 -21.12 22.66 -19.89
CA LEU A 857 -20.81 24.12 -19.83
C LEU A 857 -21.71 24.84 -18.83
N ALA A 858 -22.81 24.20 -18.41
CA ALA A 858 -23.82 24.76 -17.46
C ALA A 858 -23.50 24.37 -16.01
N LEU A 859 -22.36 23.71 -15.74
CA LEU A 859 -21.94 23.28 -14.38
C LEU A 859 -21.63 24.48 -13.50
N PRO A 860 -20.93 25.54 -13.99
CA PRO A 860 -20.82 26.80 -13.24
C PRO A 860 -22.15 27.40 -12.78
N PHE A 861 -23.17 27.37 -13.65
CA PHE A 861 -24.54 27.91 -13.37
C PHE A 861 -25.25 27.03 -12.33
N VAL A 862 -25.03 25.71 -12.38
CA VAL A 862 -25.60 24.73 -11.40
C VAL A 862 -24.86 24.89 -10.06
N LEU A 863 -23.56 25.17 -10.08
CA LEU A 863 -22.73 25.40 -8.86
C LEU A 863 -23.19 26.69 -8.15
N ILE A 864 -23.56 27.72 -8.91
CA ILE A 864 -24.07 29.04 -8.39
C ILE A 864 -25.33 28.81 -7.56
N LEU A 865 -26.18 27.83 -7.91
CA LEU A 865 -27.48 27.56 -7.24
C LEU A 865 -27.28 27.01 -5.82
N THR A 866 -26.06 26.62 -5.42
CA THR A 866 -25.73 26.20 -4.02
C THR A 866 -25.77 27.41 -3.08
N VAL A 867 -25.60 28.63 -3.61
CA VAL A 867 -25.63 29.90 -2.82
C VAL A 867 -27.07 30.20 -2.39
N PRO A 868 -28.07 30.22 -3.31
CA PRO A 868 -29.48 30.22 -2.90
C PRO A 868 -29.86 29.14 -1.88
N LEU A 869 -29.43 27.89 -2.12
CA LEU A 869 -29.75 26.71 -1.26
C LEU A 869 -29.36 27.01 0.19
N ARG A 870 -28.15 27.51 0.42
CA ARG A 870 -27.59 27.85 1.76
C ARG A 870 -28.32 29.06 2.35
N ARG A 871 -28.71 30.03 1.52
CA ARG A 871 -29.23 31.36 1.98
C ARG A 871 -30.76 31.36 2.09
N VAL A 872 -31.46 30.54 1.31
CA VAL A 872 -32.95 30.55 1.20
C VAL A 872 -33.53 29.25 1.77
N LEU A 873 -33.12 28.09 1.24
CA LEU A 873 -33.76 26.76 1.49
C LEU A 873 -33.29 26.15 2.81
N LEU A 874 -32.00 26.28 3.15
CA LEU A 874 -31.40 25.65 4.37
C LEU A 874 -31.93 26.32 5.64
N PRO A 875 -31.93 27.67 5.77
CA PRO A 875 -32.45 28.34 6.97
C PRO A 875 -33.95 28.09 7.25
N LEU A 876 -34.71 27.60 6.27
CA LEU A 876 -36.11 27.14 6.45
C LEU A 876 -36.10 25.83 7.26
N ILE A 877 -35.35 24.82 6.80
CA ILE A 877 -35.36 23.43 7.35
C ILE A 877 -34.35 23.30 8.51
N PHE A 878 -33.24 24.06 8.48
CA PHE A 878 -32.20 24.09 9.54
C PHE A 878 -32.33 25.38 10.37
N ARG A 879 -32.01 25.28 11.66
CA ARG A 879 -31.90 26.44 12.60
C ARG A 879 -30.59 27.18 12.29
N ASN A 880 -30.55 28.50 12.56
CA ASN A 880 -29.39 29.38 12.28
C ASN A 880 -28.17 28.93 13.10
N VAL A 881 -28.38 28.57 14.38
CA VAL A 881 -27.32 28.15 15.34
C VAL A 881 -26.54 26.95 14.77
N GLU A 882 -27.25 26.02 14.13
CA GLU A 882 -26.67 24.82 13.46
C GLU A 882 -25.83 25.26 12.25
N LEU A 883 -26.42 26.09 11.38
CA LEU A 883 -25.83 26.56 10.09
C LEU A 883 -24.56 27.39 10.36
N GLN A 884 -24.60 28.26 11.37
CA GLN A 884 -23.45 29.12 11.77
C GLN A 884 -22.26 28.26 12.20
N CYS A 885 -22.52 27.12 12.84
CA CYS A 885 -21.48 26.15 13.33
C CYS A 885 -21.04 25.23 12.18
N LEU A 886 -21.99 24.68 11.42
CA LEU A 886 -21.74 23.77 10.27
C LEU A 886 -21.00 24.55 9.16
N ASP A 887 -21.60 25.64 8.70
CA ASP A 887 -21.04 26.58 7.67
C ASP A 887 -20.51 27.81 8.41
N ALA A 888 -19.26 27.74 8.87
CA ALA A 888 -18.52 28.83 9.56
C ALA A 888 -17.46 29.41 8.63
N ASP A 889 -17.16 30.71 8.77
CA ASP A 889 -16.13 31.42 7.98
C ASP A 889 -14.73 30.93 8.40
N ASP A 890 -14.53 30.70 9.70
CA ASP A 890 -13.29 30.13 10.30
C ASP A 890 -13.63 28.82 11.01
N ALA A 891 -12.64 27.93 11.15
CA ALA A 891 -12.75 26.61 11.83
C ALA A 891 -12.34 26.76 13.30
N ASP B 370 5.14 -23.34 38.57
CA ASP B 370 5.92 -23.22 37.31
C ASP B 370 6.12 -24.61 36.70
N PRO B 371 5.94 -24.79 35.37
CA PRO B 371 6.20 -26.08 34.73
C PRO B 371 7.66 -26.54 34.70
N LEU B 372 8.61 -25.60 34.77
CA LEU B 372 10.06 -25.83 34.52
C LEU B 372 10.76 -26.35 35.80
N GLN B 373 10.06 -26.38 36.95
CA GLN B 373 10.59 -26.94 38.22
C GLN B 373 10.74 -28.46 38.07
N GLN B 374 11.91 -28.99 38.42
CA GLN B 374 12.21 -30.45 38.45
C GLN B 374 11.42 -31.09 39.60
N THR B 375 10.41 -31.90 39.27
CA THR B 375 9.57 -32.66 40.24
C THR B 375 10.46 -33.58 41.10
N GLY B 376 11.44 -34.23 40.47
CA GLY B 376 12.36 -35.18 41.13
C GLY B 376 11.87 -36.62 41.05
N GLN B 377 10.64 -36.83 40.54
CA GLN B 377 10.01 -38.17 40.34
C GLN B 377 10.03 -38.49 38.84
N LEU B 378 10.18 -39.78 38.49
CA LEU B 378 10.27 -40.26 37.08
C LEU B 378 8.99 -39.86 36.33
N PHE B 379 9.13 -39.18 35.20
CA PHE B 379 8.03 -38.61 34.37
C PHE B 379 7.22 -37.61 35.20
N GLY B 380 7.90 -36.86 36.07
CA GLY B 380 7.28 -35.90 37.01
C GLY B 380 6.70 -34.70 36.27
N GLY B 381 7.46 -34.15 35.31
CA GLY B 381 7.02 -33.05 34.43
C GLY B 381 5.84 -33.46 33.56
N LEU B 382 5.94 -34.63 32.91
CA LEU B 382 4.89 -35.20 32.02
C LEU B 382 3.57 -35.32 32.77
N VAL B 383 3.60 -35.84 34.01
CA VAL B 383 2.42 -36.02 34.90
C VAL B 383 1.83 -34.65 35.23
N ARG B 384 2.65 -33.72 35.74
CA ARG B 384 2.25 -32.35 36.15
C ARG B 384 1.68 -31.59 34.95
N ASP B 385 2.27 -31.76 33.76
CA ASP B 385 1.83 -31.11 32.49
C ASP B 385 0.44 -31.61 32.11
N ILE B 386 0.15 -32.90 32.30
CA ILE B 386 -1.20 -33.51 32.09
C ILE B 386 -2.15 -32.97 33.17
N ARG B 387 -1.76 -33.07 34.44
CA ARG B 387 -2.57 -32.65 35.62
C ARG B 387 -2.84 -31.13 35.60
N ARG B 388 -2.04 -30.34 34.85
CA ARG B 388 -2.23 -28.87 34.72
C ARG B 388 -3.36 -28.58 33.72
N ARG B 389 -3.26 -29.12 32.49
CA ARG B 389 -4.06 -28.67 31.32
C ARG B 389 -5.34 -29.50 31.16
N TYR B 390 -5.29 -30.82 31.41
CA TYR B 390 -6.41 -31.76 31.13
C TYR B 390 -7.64 -31.49 32.00
N PRO B 391 -7.53 -30.90 33.22
CA PRO B 391 -8.71 -30.37 33.89
C PRO B 391 -9.48 -29.30 33.11
N TYR B 392 -8.79 -28.52 32.26
CA TYR B 392 -9.36 -27.43 31.43
C TYR B 392 -9.61 -27.95 30.00
N TYR B 393 -10.12 -29.17 29.84
CA TYR B 393 -10.32 -29.84 28.52
C TYR B 393 -11.69 -29.49 27.95
N LEU B 394 -12.71 -29.36 28.80
CA LEU B 394 -14.07 -28.92 28.40
C LEU B 394 -14.01 -27.48 27.87
N SER B 395 -13.18 -26.63 28.48
CA SER B 395 -12.88 -25.26 28.03
C SER B 395 -12.18 -25.29 26.67
N ASP B 396 -11.19 -26.18 26.50
CA ASP B 396 -10.39 -26.36 25.25
C ASP B 396 -11.30 -26.69 24.05
N ILE B 397 -12.49 -27.23 24.29
CA ILE B 397 -13.53 -27.53 23.25
C ILE B 397 -14.43 -26.29 23.08
N THR B 398 -14.89 -25.70 24.18
CA THR B 398 -15.96 -24.67 24.21
C THR B 398 -15.40 -23.26 23.96
N ASP B 399 -14.12 -23.01 24.26
CA ASP B 399 -13.44 -21.71 24.01
C ASP B 399 -13.33 -21.46 22.50
N ALA B 400 -13.42 -22.52 21.68
CA ALA B 400 -13.36 -22.46 20.20
C ALA B 400 -14.66 -21.90 19.62
N PHE B 401 -15.74 -21.78 20.40
CA PHE B 401 -17.07 -21.29 19.93
C PHE B 401 -17.00 -19.78 19.72
N SER B 402 -16.32 -19.36 18.64
CA SER B 402 -16.11 -17.94 18.25
C SER B 402 -15.86 -17.86 16.74
N PRO B 403 -16.35 -16.82 16.03
CA PRO B 403 -16.03 -16.64 14.61
C PRO B 403 -14.55 -16.36 14.36
N GLN B 404 -13.89 -15.68 15.30
CA GLN B 404 -12.42 -15.43 15.32
C GLN B 404 -11.66 -16.76 15.21
N VAL B 405 -12.18 -17.82 15.85
CA VAL B 405 -11.57 -19.19 15.87
C VAL B 405 -11.71 -19.82 14.48
N LEU B 406 -12.83 -19.60 13.77
CA LEU B 406 -13.01 -20.05 12.36
C LEU B 406 -12.09 -19.23 11.46
N ALA B 407 -12.09 -17.90 11.62
CA ALA B 407 -11.21 -16.95 10.89
C ALA B 407 -9.73 -17.35 11.08
N ALA B 408 -9.38 -17.93 12.23
CA ALA B 408 -8.05 -18.50 12.53
C ALA B 408 -7.83 -19.77 11.70
N VAL B 409 -8.82 -20.67 11.67
CA VAL B 409 -8.75 -21.97 10.93
C VAL B 409 -8.46 -21.69 9.45
N ILE B 410 -9.23 -20.80 8.82
CA ILE B 410 -9.15 -20.48 7.36
C ILE B 410 -7.74 -19.97 7.05
N PHE B 411 -7.26 -19.01 7.85
CA PHE B 411 -5.91 -18.37 7.74
C PHE B 411 -4.83 -19.44 7.93
N ILE B 412 -4.87 -20.16 9.04
CA ILE B 412 -3.78 -21.08 9.48
C ILE B 412 -3.82 -22.37 8.63
N TYR B 413 -4.94 -22.69 7.98
CA TYR B 413 -5.07 -23.82 7.01
C TYR B 413 -4.15 -23.56 5.81
N PHE B 414 -4.22 -22.36 5.23
CA PHE B 414 -3.39 -21.93 4.07
C PHE B 414 -1.93 -21.78 4.49
N ALA B 415 -1.69 -21.37 5.74
CA ALA B 415 -0.35 -21.29 6.38
C ALA B 415 0.24 -22.70 6.52
N ALA B 416 -0.61 -23.68 6.84
CA ALA B 416 -0.24 -25.10 7.11
C ALA B 416 -0.10 -25.89 5.79
N LEU B 417 -0.98 -25.64 4.82
CA LEU B 417 -1.08 -26.43 3.56
C LEU B 417 0.12 -26.13 2.65
N SER B 418 0.32 -24.86 2.30
CA SER B 418 1.30 -24.39 1.28
C SER B 418 2.68 -24.99 1.51
N PRO B 419 3.28 -24.92 2.73
CA PRO B 419 4.55 -25.60 2.99
C PRO B 419 4.47 -27.13 2.85
N ALA B 420 3.34 -27.75 3.24
CA ALA B 420 3.11 -29.20 3.09
C ALA B 420 3.08 -29.58 1.60
N ILE B 421 2.69 -28.65 0.73
CA ILE B 421 2.72 -28.81 -0.76
C ILE B 421 4.14 -28.48 -1.25
N THR B 422 4.71 -27.37 -0.80
CA THR B 422 6.01 -26.81 -1.28
C THR B 422 7.17 -27.74 -0.87
N PHE B 423 7.35 -27.97 0.44
CA PHE B 423 8.38 -28.87 1.01
C PHE B 423 8.17 -30.31 0.51
N GLY B 424 6.92 -30.73 0.39
CA GLY B 424 6.53 -32.05 -0.15
C GLY B 424 6.99 -32.23 -1.59
N GLY B 425 6.85 -31.18 -2.41
CA GLY B 425 7.36 -31.13 -3.80
C GLY B 425 8.87 -31.17 -3.85
N LEU B 426 9.53 -30.41 -2.96
CA LEU B 426 11.01 -30.37 -2.81
C LEU B 426 11.51 -31.73 -2.32
N LEU B 427 10.79 -32.35 -1.38
CA LEU B 427 11.09 -33.71 -0.84
C LEU B 427 11.08 -34.74 -1.98
N GLY B 428 10.07 -34.70 -2.85
CA GLY B 428 9.89 -35.62 -3.98
C GLY B 428 11.07 -35.57 -4.94
N GLU B 429 11.42 -34.38 -5.43
CA GLU B 429 12.42 -34.18 -6.52
C GLU B 429 13.80 -34.46 -5.88
N LYS B 430 13.97 -34.17 -4.58
CA LYS B 430 15.24 -34.38 -3.84
C LYS B 430 15.47 -35.89 -3.46
N THR B 431 14.38 -36.64 -3.19
CA THR B 431 14.48 -38.06 -2.71
C THR B 431 13.94 -39.07 -3.73
N ARG B 432 13.72 -38.69 -5.00
CA ARG B 432 13.22 -39.54 -6.10
C ARG B 432 11.86 -40.11 -5.66
N ASN B 433 11.02 -39.27 -5.05
CA ASN B 433 9.60 -39.55 -4.68
C ASN B 433 9.52 -40.72 -3.68
N GLN B 434 10.59 -40.98 -2.90
CA GLN B 434 10.55 -41.91 -1.74
C GLN B 434 9.66 -41.28 -0.66
N MET B 435 9.74 -39.97 -0.51
CA MET B 435 8.86 -39.13 0.34
C MET B 435 8.44 -37.89 -0.45
N GLY B 436 7.13 -37.62 -0.55
CA GLY B 436 6.57 -36.54 -1.38
C GLY B 436 5.46 -35.78 -0.68
N VAL B 437 4.58 -35.15 -1.46
CA VAL B 437 3.46 -34.28 -0.97
C VAL B 437 2.43 -35.17 -0.27
N SER B 438 2.03 -36.28 -0.91
CA SER B 438 1.01 -37.23 -0.41
C SER B 438 1.38 -37.70 1.00
N GLU B 439 2.66 -38.04 1.21
CA GLU B 439 3.22 -38.48 2.53
C GLU B 439 3.09 -37.33 3.53
N LEU B 440 3.61 -36.15 3.18
CA LEU B 440 3.71 -34.96 4.07
C LEU B 440 2.31 -34.41 4.41
N LEU B 441 1.38 -34.41 3.45
CA LEU B 441 -0.03 -34.00 3.69
C LEU B 441 -0.66 -34.93 4.75
N ILE B 442 -0.44 -36.24 4.63
CA ILE B 442 -0.98 -37.28 5.57
C ILE B 442 -0.31 -37.11 6.93
N SER B 443 1.02 -36.93 6.98
CA SER B 443 1.81 -36.80 8.23
C SER B 443 1.38 -35.55 9.00
N THR B 444 1.39 -34.39 8.33
CA THR B 444 0.97 -33.07 8.86
C THR B 444 -0.45 -33.17 9.44
N ALA B 445 -1.33 -33.93 8.78
CA ALA B 445 -2.76 -34.10 9.17
C ALA B 445 -2.86 -34.97 10.42
N VAL B 446 -2.30 -36.18 10.36
CA VAL B 446 -2.39 -37.22 11.45
C VAL B 446 -1.74 -36.66 12.72
N GLN B 447 -0.49 -36.19 12.62
CA GLN B 447 0.28 -35.66 13.79
C GLN B 447 -0.40 -34.41 14.34
N GLY B 448 -0.89 -33.53 13.46
CA GLY B 448 -1.66 -32.33 13.83
C GLY B 448 -2.93 -32.67 14.59
N ILE B 449 -3.67 -33.68 14.14
CA ILE B 449 -4.94 -34.16 14.78
C ILE B 449 -4.60 -34.74 16.16
N LEU B 450 -3.64 -35.68 16.22
CA LEU B 450 -3.19 -36.33 17.49
C LEU B 450 -2.73 -35.25 18.48
N PHE B 451 -1.88 -34.32 18.04
CA PHE B 451 -1.28 -33.26 18.89
C PHE B 451 -2.36 -32.27 19.35
N ALA B 452 -3.26 -31.86 18.47
CA ALA B 452 -4.41 -30.96 18.77
C ALA B 452 -5.20 -31.53 19.95
N LEU B 453 -5.45 -32.84 19.95
CA LEU B 453 -6.27 -33.53 20.98
C LEU B 453 -5.45 -33.75 22.27
N LEU B 454 -4.20 -34.17 22.16
CA LEU B 454 -3.38 -34.68 23.31
C LEU B 454 -2.36 -33.64 23.81
N GLY B 455 -2.09 -32.58 23.05
CA GLY B 455 -1.04 -31.59 23.36
C GLY B 455 -1.38 -30.74 24.58
N ALA B 456 -0.36 -30.35 25.35
CA ALA B 456 -0.46 -29.45 26.52
C ALA B 456 -0.58 -27.99 26.06
N GLN B 457 -0.04 -27.67 24.88
CA GLN B 457 -0.21 -26.35 24.20
C GLN B 457 -0.73 -26.60 22.78
N PRO B 458 -2.06 -26.74 22.59
CA PRO B 458 -2.65 -26.95 21.26
C PRO B 458 -2.47 -25.81 20.24
N LEU B 459 -2.04 -24.62 20.69
CA LEU B 459 -1.76 -23.45 19.81
C LEU B 459 -0.49 -23.69 18.98
N LEU B 460 0.36 -24.65 19.38
CA LEU B 460 1.52 -25.08 18.57
C LEU B 460 1.02 -25.77 17.30
N VAL B 461 1.39 -25.23 16.12
CA VAL B 461 1.09 -25.80 14.79
C VAL B 461 2.26 -26.74 14.42
N VAL B 462 2.01 -28.06 14.42
CA VAL B 462 3.03 -29.10 14.12
C VAL B 462 3.07 -29.30 12.60
N GLY B 463 4.20 -28.94 11.98
CA GLY B 463 4.41 -29.07 10.52
C GLY B 463 5.88 -29.24 10.15
N PHE B 464 6.15 -29.47 8.86
CA PHE B 464 7.50 -29.65 8.28
C PHE B 464 8.13 -28.27 8.05
N SER B 465 9.46 -28.19 8.17
CA SER B 465 10.24 -26.93 8.16
C SER B 465 11.48 -27.07 7.27
N GLY B 466 12.19 -25.95 7.05
CA GLY B 466 13.46 -25.88 6.29
C GLY B 466 14.54 -26.78 6.88
N PRO B 467 14.86 -26.67 8.19
CA PRO B 467 15.85 -27.54 8.83
C PRO B 467 15.60 -29.05 8.64
N LEU B 468 14.33 -29.48 8.62
CA LEU B 468 13.92 -30.88 8.45
C LEU B 468 14.11 -31.32 6.99
N LEU B 469 13.79 -30.45 6.02
CA LEU B 469 14.03 -30.68 4.57
C LEU B 469 15.54 -30.89 4.35
N VAL B 470 16.36 -30.03 4.94
CA VAL B 470 17.85 -30.03 4.80
C VAL B 470 18.41 -31.37 5.27
N PHE B 471 17.83 -31.98 6.31
CA PHE B 471 18.24 -33.29 6.87
C PHE B 471 17.85 -34.42 5.90
N GLU B 472 16.63 -34.38 5.37
CA GLU B 472 16.10 -35.40 4.42
C GLU B 472 16.95 -35.41 3.15
N GLU B 473 17.38 -34.22 2.69
CA GLU B 473 18.42 -34.02 1.64
C GLU B 473 19.69 -34.78 2.03
N ALA B 474 20.23 -34.47 3.22
CA ALA B 474 21.56 -34.92 3.72
C ALA B 474 21.55 -36.44 3.92
N PHE B 475 20.50 -36.98 4.54
CA PHE B 475 20.36 -38.43 4.87
C PHE B 475 20.21 -39.25 3.59
N PHE B 476 19.50 -38.72 2.58
CA PHE B 476 19.35 -39.32 1.23
C PHE B 476 20.73 -39.36 0.56
N SER B 477 21.38 -38.19 0.45
CA SER B 477 22.75 -38.01 -0.11
C SER B 477 23.73 -39.01 0.52
N PHE B 478 23.64 -39.21 1.84
CA PHE B 478 24.45 -40.18 2.63
C PHE B 478 24.08 -41.61 2.21
N CYS B 479 22.78 -41.92 2.19
CA CYS B 479 22.21 -43.27 1.90
C CYS B 479 22.57 -43.72 0.48
N GLU B 480 22.62 -42.80 -0.49
CA GLU B 480 23.01 -43.08 -1.90
C GLU B 480 24.49 -43.49 -1.95
N THR B 481 25.37 -42.71 -1.30
CA THR B 481 26.84 -42.92 -1.24
C THR B 481 27.16 -44.23 -0.51
N ASN B 482 26.49 -44.49 0.61
CA ASN B 482 26.73 -45.67 1.49
C ASN B 482 25.95 -46.88 0.98
N GLY B 483 25.06 -46.72 -0.01
CA GLY B 483 24.30 -47.80 -0.66
C GLY B 483 23.31 -48.44 0.30
N LEU B 484 22.51 -47.60 0.99
CA LEU B 484 21.54 -48.00 2.03
C LEU B 484 20.13 -47.61 1.57
N GLU B 485 19.11 -48.37 1.98
CA GLU B 485 17.68 -48.05 1.74
C GLU B 485 17.31 -46.84 2.59
N TYR B 486 17.08 -45.68 1.94
CA TYR B 486 16.80 -44.37 2.58
C TYR B 486 15.54 -44.47 3.46
N ILE B 487 14.42 -44.86 2.87
CA ILE B 487 13.08 -44.90 3.54
C ILE B 487 13.12 -45.93 4.68
N VAL B 488 13.90 -47.00 4.54
CA VAL B 488 14.11 -48.04 5.60
C VAL B 488 15.08 -47.48 6.64
N GLY B 489 16.11 -46.74 6.19
CA GLY B 489 17.11 -46.07 7.05
C GLY B 489 16.48 -45.12 8.05
N ARG B 490 15.44 -44.37 7.62
CA ARG B 490 14.70 -43.38 8.44
C ARG B 490 13.90 -44.07 9.56
N VAL B 491 13.54 -45.35 9.37
CA VAL B 491 12.75 -46.14 10.37
C VAL B 491 13.58 -46.25 11.66
N TRP B 492 14.89 -46.43 11.53
CA TRP B 492 15.84 -46.60 12.67
C TRP B 492 16.13 -45.24 13.32
N ILE B 493 16.19 -44.16 12.53
CA ILE B 493 16.23 -42.75 13.05
C ILE B 493 15.01 -42.54 13.96
N GLY B 494 13.85 -43.07 13.55
CA GLY B 494 12.57 -42.97 14.29
C GLY B 494 12.59 -43.74 15.59
N PHE B 495 13.10 -44.97 15.59
CA PHE B 495 13.16 -45.88 16.78
C PHE B 495 14.02 -45.24 17.87
N TRP B 496 15.11 -44.57 17.49
CA TRP B 496 16.03 -43.86 18.42
C TRP B 496 15.32 -42.63 19.01
N LEU B 497 14.65 -41.83 18.17
CA LEU B 497 13.88 -40.62 18.59
C LEU B 497 12.83 -41.02 19.64
N ILE B 498 12.16 -42.16 19.46
CA ILE B 498 11.18 -42.74 20.42
C ILE B 498 11.89 -43.08 21.74
N LEU B 499 13.06 -43.70 21.67
CA LEU B 499 13.87 -44.09 22.86
C LEU B 499 14.45 -42.84 23.52
N LEU B 500 14.90 -41.86 22.74
CA LEU B 500 15.65 -40.66 23.22
C LEU B 500 14.69 -39.67 23.89
N VAL B 501 13.49 -39.47 23.34
CA VAL B 501 12.45 -38.54 23.90
C VAL B 501 11.90 -39.14 25.20
N VAL B 502 11.66 -40.46 25.24
CA VAL B 502 11.17 -41.19 26.44
C VAL B 502 12.22 -41.06 27.56
N LEU B 503 13.51 -41.15 27.22
CA LEU B 503 14.64 -41.02 28.16
C LEU B 503 14.73 -39.58 28.69
N VAL B 504 14.52 -38.58 27.82
CA VAL B 504 14.59 -37.13 28.18
C VAL B 504 13.39 -36.77 29.05
N VAL B 505 12.17 -37.19 28.67
CA VAL B 505 10.90 -36.87 29.38
C VAL B 505 10.88 -37.57 30.75
N ALA B 506 11.46 -38.78 30.85
CA ALA B 506 11.60 -39.56 32.10
C ALA B 506 12.36 -38.74 33.15
N PHE B 507 13.54 -38.21 32.78
CA PHE B 507 14.50 -37.51 33.68
C PHE B 507 14.21 -36.00 33.73
N GLU B 508 13.14 -35.54 33.05
CA GLU B 508 12.66 -34.13 33.06
C GLU B 508 13.73 -33.22 32.43
N GLY B 509 14.15 -33.55 31.20
CA GLY B 509 15.17 -32.79 30.45
C GLY B 509 14.63 -31.48 29.88
N SER B 510 13.30 -31.33 29.83
CA SER B 510 12.60 -30.09 29.41
C SER B 510 12.72 -29.00 30.50
N PHE B 511 13.32 -29.31 31.66
CA PHE B 511 13.70 -28.32 32.70
C PHE B 511 14.85 -27.43 32.22
N LEU B 512 15.61 -27.84 31.20
CA LEU B 512 16.73 -27.04 30.61
C LEU B 512 16.17 -25.89 29.75
N VAL B 513 14.87 -25.92 29.42
CA VAL B 513 14.14 -24.81 28.73
C VAL B 513 14.03 -23.63 29.70
N ARG B 514 14.11 -23.90 31.02
CA ARG B 514 14.32 -22.91 32.10
C ARG B 514 15.43 -21.92 31.73
N PHE B 515 16.57 -22.42 31.23
CA PHE B 515 17.83 -21.66 31.01
C PHE B 515 17.72 -20.79 29.75
N ILE B 516 16.84 -21.13 28.80
CA ILE B 516 16.60 -20.35 27.55
C ILE B 516 15.81 -19.08 27.92
N SER B 517 16.50 -17.93 27.96
CA SER B 517 15.96 -16.61 28.38
C SER B 517 15.25 -15.92 27.20
N ARG B 518 14.81 -14.67 27.39
CA ARG B 518 14.25 -13.79 26.33
C ARG B 518 15.28 -13.64 25.19
N TYR B 519 16.53 -13.34 25.55
CA TYR B 519 17.66 -13.11 24.61
C TYR B 519 17.61 -14.10 23.45
N THR B 520 17.58 -15.40 23.77
CA THR B 520 17.59 -16.52 22.79
C THR B 520 16.25 -16.57 22.04
N GLN B 521 15.13 -16.45 22.76
CA GLN B 521 13.76 -16.50 22.20
C GLN B 521 13.56 -15.41 21.14
N GLU B 522 14.06 -14.19 21.39
CA GLU B 522 13.91 -13.02 20.49
C GLU B 522 14.75 -13.23 19.23
N ILE B 523 16.03 -13.60 19.39
CA ILE B 523 17.00 -13.87 18.28
C ILE B 523 16.38 -14.90 17.33
N PHE B 524 15.87 -16.01 17.88
CA PHE B 524 15.21 -17.10 17.13
C PHE B 524 13.96 -16.57 16.42
N SER B 525 12.97 -16.10 17.20
CA SER B 525 11.67 -15.57 16.70
C SER B 525 11.89 -14.56 15.57
N PHE B 526 12.91 -13.71 15.70
CA PHE B 526 13.28 -12.66 14.71
C PHE B 526 13.91 -13.30 13.47
N LEU B 527 14.88 -14.21 13.67
CA LEU B 527 15.59 -14.95 12.59
C LEU B 527 14.58 -15.73 11.74
N ILE B 528 13.72 -16.52 12.39
CA ILE B 528 12.70 -17.40 11.71
C ILE B 528 11.71 -16.52 10.96
N SER B 529 11.34 -15.36 11.53
CA SER B 529 10.39 -14.38 10.91
C SER B 529 11.02 -13.75 9.66
N LEU B 530 12.32 -13.42 9.70
CA LEU B 530 13.04 -12.79 8.57
C LEU B 530 13.24 -13.81 7.45
N ILE B 531 13.74 -15.01 7.78
CA ILE B 531 13.92 -16.16 6.84
C ILE B 531 12.62 -16.37 6.06
N PHE B 532 11.48 -16.35 6.76
CA PHE B 532 10.12 -16.55 6.20
C PHE B 532 9.82 -15.46 5.15
N ILE B 533 10.16 -14.21 5.47
CA ILE B 533 9.93 -13.02 4.58
C ILE B 533 10.83 -13.15 3.35
N TYR B 534 12.11 -13.51 3.54
CA TYR B 534 13.11 -13.74 2.46
C TYR B 534 12.63 -14.87 1.55
N GLU B 535 12.23 -16.00 2.15
CA GLU B 535 11.71 -17.20 1.44
C GLU B 535 10.48 -16.81 0.60
N THR B 536 9.60 -15.98 1.14
CA THR B 536 8.37 -15.49 0.48
C THR B 536 8.74 -14.65 -0.75
N PHE B 537 9.68 -13.69 -0.59
CA PHE B 537 10.11 -12.77 -1.67
C PHE B 537 10.90 -13.55 -2.74
N SER B 538 11.77 -14.48 -2.32
CA SER B 538 12.57 -15.34 -3.23
C SER B 538 11.66 -16.14 -4.16
N LYS B 539 10.49 -16.59 -3.67
CA LYS B 539 9.47 -17.35 -4.45
C LYS B 539 8.88 -16.45 -5.55
N LEU B 540 8.70 -15.15 -5.27
CA LEU B 540 8.20 -14.15 -6.25
C LEU B 540 9.27 -13.93 -7.33
N ILE B 541 10.53 -13.75 -6.94
CA ILE B 541 11.69 -13.52 -7.86
C ILE B 541 11.76 -14.68 -8.87
N LYS B 542 11.60 -15.91 -8.39
CA LYS B 542 11.65 -17.15 -9.21
C LYS B 542 10.62 -17.08 -10.35
N ILE B 543 9.45 -16.48 -10.10
CA ILE B 543 8.35 -16.33 -11.10
C ILE B 543 8.82 -15.36 -12.20
N PHE B 544 9.48 -14.25 -11.83
CA PHE B 544 10.06 -13.26 -12.77
C PHE B 544 11.22 -13.91 -13.53
N GLN B 545 12.02 -14.76 -12.86
CA GLN B 545 13.14 -15.51 -13.49
C GLN B 545 12.58 -16.55 -14.47
N ASP B 546 11.48 -17.22 -14.10
CA ASP B 546 10.79 -18.24 -14.94
C ASP B 546 10.06 -17.55 -16.10
N HIS B 547 9.39 -16.42 -15.84
CA HIS B 547 8.51 -15.69 -16.78
C HIS B 547 8.97 -14.24 -16.94
N PRO B 548 10.18 -13.99 -17.49
CA PRO B 548 10.70 -12.62 -17.63
C PRO B 548 9.85 -11.72 -18.54
N LEU B 549 9.99 -10.41 -18.36
CA LEU B 549 9.34 -9.36 -19.20
C LEU B 549 10.13 -9.28 -20.51
N GLN B 550 9.70 -10.04 -21.53
CA GLN B 550 10.32 -10.09 -22.88
C GLN B 550 9.46 -9.27 -23.86
N LYS B 551 10.06 -8.85 -24.98
CA LYS B 551 9.39 -8.09 -26.06
C LYS B 551 8.50 -9.04 -26.86
N THR B 552 9.00 -10.24 -27.15
CA THR B 552 8.32 -11.33 -27.91
C THR B 552 8.43 -12.63 -27.12
N TYR B 553 7.45 -13.53 -27.31
CA TYR B 553 7.33 -14.86 -26.65
C TYR B 553 6.97 -15.91 -27.71
N ASN B 554 6.98 -17.18 -27.30
CA ASN B 554 6.45 -18.34 -28.06
C ASN B 554 5.04 -18.64 -27.52
N TYR B 555 4.08 -18.95 -28.40
CA TYR B 555 2.68 -19.33 -28.05
C TYR B 555 2.34 -20.70 -28.64
N ASN B 556 3.37 -21.53 -28.85
CA ASN B 556 3.26 -23.01 -29.01
C ASN B 556 3.92 -23.66 -27.80
N VAL B 557 4.10 -22.91 -26.71
CA VAL B 557 4.68 -23.39 -25.42
C VAL B 557 3.78 -24.48 -24.84
N LEU B 558 4.40 -25.52 -24.26
CA LEU B 558 3.72 -26.69 -23.68
C LEU B 558 3.62 -26.49 -22.17
N MET B 559 2.40 -26.59 -21.60
CA MET B 559 2.12 -26.45 -20.15
C MET B 559 1.83 -27.87 -19.65
N VAL B 560 2.56 -28.87 -20.15
CA VAL B 560 2.24 -30.29 -19.75
C VAL B 560 2.35 -30.40 -18.22
N PRO B 561 3.54 -30.25 -17.59
CA PRO B 561 3.65 -30.25 -16.14
C PRO B 561 3.71 -28.81 -15.62
N LYS B 562 4.09 -27.87 -16.49
CA LYS B 562 4.20 -26.44 -16.12
C LYS B 562 4.59 -25.67 -17.38
N PRO B 563 4.40 -24.32 -17.45
CA PRO B 563 4.84 -23.55 -18.61
C PRO B 563 6.28 -23.95 -18.96
N GLN B 564 6.48 -24.61 -20.10
CA GLN B 564 7.83 -25.08 -20.49
C GLN B 564 8.72 -23.87 -20.80
N GLY B 565 8.14 -22.78 -21.31
CA GLY B 565 8.91 -21.56 -21.62
C GLY B 565 8.30 -20.33 -20.99
N PRO B 566 8.85 -19.13 -21.20
CA PRO B 566 8.34 -17.91 -20.57
C PRO B 566 6.99 -17.46 -21.16
N LEU B 567 6.12 -16.87 -20.32
CA LEU B 567 4.77 -16.39 -20.70
C LEU B 567 4.67 -14.89 -20.46
N PRO B 568 3.83 -14.16 -21.23
CA PRO B 568 3.52 -12.76 -20.92
C PRO B 568 2.51 -12.60 -19.78
N ASN B 569 2.65 -11.54 -18.99
CA ASN B 569 1.67 -11.04 -17.99
C ASN B 569 1.61 -11.94 -16.74
N THR B 570 2.39 -13.02 -16.68
CA THR B 570 2.35 -14.02 -15.57
C THR B 570 2.99 -13.43 -14.32
N ALA B 571 4.21 -12.88 -14.45
CA ALA B 571 5.05 -12.42 -13.34
C ALA B 571 4.48 -11.13 -12.72
N LEU B 572 4.08 -10.16 -13.56
CA LEU B 572 3.53 -8.86 -13.09
C LEU B 572 2.18 -9.10 -12.41
N LEU B 573 1.37 -10.04 -12.89
CA LEU B 573 0.07 -10.40 -12.28
C LEU B 573 0.31 -11.04 -10.91
N SER B 574 1.30 -11.93 -10.83
CA SER B 574 1.77 -12.56 -9.57
C SER B 574 2.19 -11.49 -8.56
N LEU B 575 2.93 -10.47 -9.01
CA LEU B 575 3.39 -9.31 -8.19
C LEU B 575 2.16 -8.54 -7.69
N VAL B 576 1.21 -8.24 -8.59
CA VAL B 576 -0.04 -7.48 -8.28
C VAL B 576 -0.87 -8.30 -7.28
N LEU B 577 -1.09 -9.59 -7.58
CA LEU B 577 -1.89 -10.53 -6.75
C LEU B 577 -1.31 -10.61 -5.32
N MET B 578 0.01 -10.73 -5.20
CA MET B 578 0.74 -10.71 -3.90
C MET B 578 0.51 -9.37 -3.20
N ALA B 579 0.85 -8.26 -3.87
CA ALA B 579 0.79 -6.88 -3.32
C ALA B 579 -0.63 -6.55 -2.87
N GLY B 580 -1.63 -6.88 -3.69
CA GLY B 580 -3.05 -6.65 -3.39
C GLY B 580 -3.51 -7.41 -2.17
N THR B 581 -3.10 -8.67 -2.04
CA THR B 581 -3.44 -9.57 -0.91
C THR B 581 -2.83 -9.02 0.39
N PHE B 582 -1.55 -8.65 0.36
CA PHE B 582 -0.81 -8.09 1.53
C PHE B 582 -1.42 -6.74 1.93
N PHE B 583 -1.75 -5.90 0.96
CA PHE B 583 -2.39 -4.58 1.15
C PHE B 583 -3.69 -4.76 1.96
N PHE B 584 -4.68 -5.45 1.37
CA PHE B 584 -6.02 -5.67 1.97
C PHE B 584 -5.90 -6.26 3.38
N ALA B 585 -4.98 -7.21 3.57
CA ALA B 585 -4.69 -7.89 4.86
C ALA B 585 -4.28 -6.85 5.92
N MET B 586 -3.32 -5.99 5.58
CA MET B 586 -2.78 -4.93 6.47
C MET B 586 -3.84 -3.85 6.71
N MET B 587 -4.63 -3.49 5.70
CA MET B 587 -5.70 -2.47 5.79
C MET B 587 -6.83 -2.99 6.68
N LEU B 588 -7.21 -4.26 6.55
CA LEU B 588 -8.30 -4.89 7.35
C LEU B 588 -7.86 -5.08 8.80
N ARG B 589 -6.54 -5.12 9.07
CA ARG B 589 -5.99 -5.12 10.44
C ARG B 589 -6.08 -3.72 11.03
N LYS B 590 -5.75 -2.69 10.24
CA LYS B 590 -5.91 -1.26 10.60
C LYS B 590 -7.39 -0.97 10.89
N PHE B 591 -8.28 -1.47 10.03
CA PHE B 591 -9.75 -1.32 10.14
C PHE B 591 -10.24 -1.91 11.47
N LYS B 592 -9.73 -3.09 11.86
CA LYS B 592 -10.08 -3.81 13.11
C LYS B 592 -9.85 -2.90 14.33
N ASN B 593 -8.71 -2.18 14.35
CA ASN B 593 -8.29 -1.28 15.47
C ASN B 593 -8.47 0.18 15.04
N SER B 594 -9.64 0.51 14.48
CA SER B 594 -10.04 1.88 14.05
C SER B 594 -11.31 2.30 14.81
N SER B 595 -11.86 3.47 14.47
CA SER B 595 -13.11 4.03 15.03
C SER B 595 -14.16 4.21 13.92
N TYR B 596 -14.17 3.32 12.93
CA TYR B 596 -15.09 3.33 11.76
C TYR B 596 -16.00 2.11 11.59
N PHE B 597 -17.31 2.33 11.52
CA PHE B 597 -18.40 1.30 11.51
C PHE B 597 -18.64 0.78 12.92
N PRO B 598 -19.81 0.13 13.21
CA PRO B 598 -20.07 -0.41 14.54
C PRO B 598 -19.07 -1.48 15.02
N GLY B 599 -18.85 -1.55 16.33
CA GLY B 599 -17.80 -2.36 16.99
C GLY B 599 -17.83 -3.82 16.57
N LYS B 600 -19.02 -4.42 16.52
CA LYS B 600 -19.23 -5.87 16.18
C LYS B 600 -18.83 -6.11 14.73
N LEU B 601 -19.37 -5.33 13.79
CA LEU B 601 -19.09 -5.43 12.33
C LEU B 601 -17.59 -5.17 12.08
N ARG B 602 -17.03 -4.13 12.70
CA ARG B 602 -15.60 -3.76 12.61
C ARG B 602 -14.72 -4.91 13.11
N ARG B 603 -15.11 -5.57 14.21
CA ARG B 603 -14.36 -6.70 14.80
C ARG B 603 -14.49 -7.95 13.91
N VAL B 604 -15.72 -8.30 13.52
CA VAL B 604 -16.03 -9.51 12.69
C VAL B 604 -15.23 -9.44 11.38
N ILE B 605 -15.34 -8.35 10.63
CA ILE B 605 -14.62 -8.10 9.34
C ILE B 605 -13.11 -8.04 9.63
N GLY B 606 -12.71 -7.44 10.76
CA GLY B 606 -11.32 -7.40 11.24
C GLY B 606 -10.77 -8.79 11.53
N ASP B 607 -11.55 -9.63 12.22
CA ASP B 607 -11.19 -11.03 12.59
C ASP B 607 -10.98 -11.86 11.31
N PHE B 608 -11.86 -11.70 10.31
CA PHE B 608 -11.75 -12.33 8.97
C PHE B 608 -10.96 -11.42 8.02
N GLY B 609 -9.81 -10.92 8.46
CA GLY B 609 -8.94 -10.02 7.68
C GLY B 609 -8.27 -10.76 6.54
N VAL B 610 -7.63 -11.89 6.83
CA VAL B 610 -6.87 -12.72 5.85
C VAL B 610 -7.86 -13.49 4.97
N PRO B 611 -8.87 -14.22 5.51
CA PRO B 611 -9.88 -14.88 4.69
C PRO B 611 -10.55 -13.98 3.64
N ILE B 612 -10.83 -12.72 3.97
CA ILE B 612 -11.41 -11.70 3.03
C ILE B 612 -10.34 -11.34 1.99
N SER B 613 -9.12 -11.05 2.44
CA SER B 613 -7.95 -10.66 1.58
C SER B 613 -7.67 -11.75 0.53
N ILE B 614 -7.76 -13.03 0.92
CA ILE B 614 -7.55 -14.20 0.01
C ILE B 614 -8.71 -14.26 -0.98
N LEU B 615 -9.96 -14.22 -0.49
CA LEU B 615 -11.19 -14.32 -1.31
C LEU B 615 -11.18 -13.24 -2.40
N ILE B 616 -10.93 -11.97 -2.03
CA ILE B 616 -10.94 -10.79 -2.95
C ILE B 616 -9.99 -11.04 -4.12
N MET B 617 -8.77 -11.50 -3.84
CA MET B 617 -7.64 -11.57 -4.82
C MET B 617 -7.63 -12.91 -5.55
N VAL B 618 -8.23 -13.96 -4.99
CA VAL B 618 -8.50 -15.25 -5.70
C VAL B 618 -9.58 -15.01 -6.75
N LEU B 619 -10.55 -14.13 -6.46
CA LEU B 619 -11.63 -13.73 -7.41
C LEU B 619 -11.03 -12.87 -8.53
N VAL B 620 -10.13 -11.94 -8.19
CA VAL B 620 -9.40 -11.08 -9.18
C VAL B 620 -8.70 -11.98 -10.19
N ASP B 621 -8.06 -13.07 -9.73
CA ASP B 621 -7.33 -14.05 -10.57
C ASP B 621 -8.34 -14.80 -11.46
N PHE B 622 -9.47 -15.22 -10.89
CA PHE B 622 -10.50 -16.06 -11.57
C PHE B 622 -11.07 -15.33 -12.80
N PHE B 623 -11.36 -14.03 -12.66
CA PHE B 623 -12.00 -13.19 -13.71
C PHE B 623 -10.98 -12.73 -14.76
N ILE B 624 -9.68 -12.93 -14.51
CA ILE B 624 -8.59 -12.80 -15.54
C ILE B 624 -8.42 -14.15 -16.24
N GLN B 625 -8.96 -14.30 -17.45
CA GLN B 625 -9.10 -15.60 -18.16
C GLN B 625 -7.76 -16.01 -18.77
N ASP B 626 -7.27 -15.25 -19.76
CA ASP B 626 -6.20 -15.66 -20.70
C ASP B 626 -4.86 -15.87 -19.98
N THR B 627 -4.45 -14.92 -19.13
CA THR B 627 -3.14 -14.91 -18.41
C THR B 627 -3.06 -16.12 -17.47
N TYR B 628 -1.90 -16.78 -17.42
CA TYR B 628 -1.60 -17.95 -16.55
C TYR B 628 -0.95 -17.46 -15.24
N THR B 629 -1.38 -18.05 -14.11
CA THR B 629 -0.71 -17.95 -12.78
C THR B 629 -0.52 -19.37 -12.23
N GLN B 630 0.55 -19.57 -11.45
CA GLN B 630 0.84 -20.83 -10.71
C GLN B 630 -0.23 -21.01 -9.63
N LYS B 631 -0.90 -22.17 -9.60
CA LYS B 631 -1.98 -22.51 -8.64
C LYS B 631 -1.51 -23.63 -7.70
N LEU B 632 -2.23 -23.85 -6.60
CA LEU B 632 -1.98 -24.95 -5.62
C LEU B 632 -2.34 -26.29 -6.27
N SER B 633 -1.34 -27.15 -6.50
CA SER B 633 -1.48 -28.48 -7.14
C SER B 633 -1.26 -29.58 -6.08
N VAL B 634 -2.36 -30.16 -5.59
CA VAL B 634 -2.35 -31.34 -4.67
C VAL B 634 -2.24 -32.61 -5.51
N PRO B 635 -1.77 -33.75 -4.95
CA PRO B 635 -1.76 -35.03 -5.66
C PRO B 635 -3.16 -35.51 -6.10
N ASP B 636 -3.19 -36.50 -7.01
CA ASP B 636 -4.43 -37.05 -7.62
C ASP B 636 -5.30 -37.71 -6.55
N GLY B 637 -4.71 -38.55 -5.70
CA GLY B 637 -5.38 -39.23 -4.57
C GLY B 637 -4.41 -39.59 -3.45
N PHE B 638 -4.90 -40.32 -2.44
CA PHE B 638 -4.13 -40.79 -1.27
C PHE B 638 -3.33 -42.04 -1.66
N LYS B 639 -2.25 -41.83 -2.41
CA LYS B 639 -1.34 -42.89 -2.91
C LYS B 639 0.09 -42.53 -2.51
N VAL B 640 0.91 -43.55 -2.19
CA VAL B 640 2.39 -43.41 -1.96
C VAL B 640 3.02 -42.84 -3.24
N SER B 641 4.04 -41.99 -3.07
CA SER B 641 4.62 -41.12 -4.13
C SER B 641 5.33 -41.92 -5.23
N ASN B 642 5.93 -43.06 -4.86
CA ASN B 642 6.67 -43.92 -5.82
C ASN B 642 6.47 -45.37 -5.39
N SER B 643 5.29 -45.94 -5.71
CA SER B 643 4.98 -47.33 -5.27
C SER B 643 6.10 -48.28 -5.71
N SER B 644 6.75 -47.97 -6.84
CA SER B 644 7.83 -48.82 -7.37
C SER B 644 9.00 -48.86 -6.38
N ALA B 645 9.00 -47.97 -5.38
CA ALA B 645 10.15 -47.90 -4.44
C ALA B 645 9.72 -48.29 -3.01
N ARG B 646 8.43 -48.46 -2.77
CA ARG B 646 7.96 -48.75 -1.38
C ARG B 646 6.43 -48.94 -1.34
N GLY B 647 5.93 -49.49 -0.24
CA GLY B 647 4.50 -49.52 0.12
C GLY B 647 4.17 -48.41 1.10
N TRP B 648 3.16 -48.61 1.96
CA TRP B 648 2.79 -47.70 3.07
C TRP B 648 3.66 -48.01 4.28
N VAL B 649 3.54 -49.22 4.85
CA VAL B 649 4.34 -49.70 6.01
C VAL B 649 5.72 -50.11 5.51
N ILE B 650 6.79 -49.51 6.07
CA ILE B 650 8.21 -49.77 5.71
C ILE B 650 8.76 -50.86 6.63
N HIS B 651 9.32 -51.93 6.06
CA HIS B 651 9.92 -53.08 6.79
C HIS B 651 11.32 -52.69 7.28
N PRO B 652 11.58 -52.67 8.60
CA PRO B 652 12.90 -52.31 9.13
C PRO B 652 14.07 -53.14 8.59
N LEU B 653 13.90 -54.46 8.43
CA LEU B 653 14.98 -55.40 8.02
C LEU B 653 15.30 -55.22 6.53
N GLY B 654 14.38 -54.66 5.74
CA GLY B 654 14.62 -54.23 4.34
C GLY B 654 13.46 -54.55 3.42
N LEU B 655 13.40 -53.87 2.27
CA LEU B 655 12.36 -54.03 1.21
C LEU B 655 12.94 -54.84 0.06
N ARG B 656 14.00 -54.34 -0.59
CA ARG B 656 14.70 -55.00 -1.72
C ARG B 656 15.91 -55.77 -1.19
N SER B 657 16.93 -55.05 -0.70
CA SER B 657 18.19 -55.60 -0.14
C SER B 657 18.08 -55.73 1.38
N GLU B 658 18.85 -56.65 1.98
CA GLU B 658 18.91 -56.88 3.45
C GLU B 658 19.58 -55.66 4.10
N PHE B 659 18.86 -54.99 5.00
CA PHE B 659 19.32 -53.76 5.71
C PHE B 659 20.43 -54.14 6.70
N PRO B 660 21.61 -53.47 6.67
CA PRO B 660 22.75 -53.88 7.50
C PRO B 660 22.59 -53.49 8.97
N ILE B 661 23.41 -54.07 9.84
CA ILE B 661 23.31 -53.97 11.34
C ILE B 661 24.08 -52.74 11.83
N TRP B 662 25.15 -52.33 11.13
CA TRP B 662 26.00 -51.17 11.51
C TRP B 662 25.15 -49.88 11.54
N MET B 663 24.22 -49.73 10.61
CA MET B 663 23.33 -48.55 10.49
C MET B 663 22.28 -48.55 11.62
N MET B 664 21.81 -49.74 12.03
CA MET B 664 20.75 -49.91 13.07
C MET B 664 21.20 -49.29 14.40
N PHE B 665 22.51 -49.30 14.68
CA PHE B 665 23.14 -48.68 15.88
C PHE B 665 23.61 -47.25 15.56
N ALA B 666 24.23 -47.06 14.39
CA ALA B 666 24.81 -45.77 13.92
C ALA B 666 23.70 -44.73 13.66
N SER B 667 22.45 -45.17 13.50
CA SER B 667 21.24 -44.31 13.34
C SER B 667 21.07 -43.36 14.53
N ALA B 668 21.58 -43.70 15.72
CA ALA B 668 21.54 -42.90 16.96
C ALA B 668 22.05 -41.47 16.70
N LEU B 669 23.14 -41.32 15.95
CA LEU B 669 23.82 -40.02 15.68
C LEU B 669 22.91 -39.09 14.88
N PRO B 670 22.41 -39.48 13.67
CA PRO B 670 21.39 -38.69 12.97
C PRO B 670 20.08 -38.50 13.75
N ALA B 671 19.70 -39.47 14.60
CA ALA B 671 18.50 -39.40 15.47
C ALA B 671 18.70 -38.35 16.57
N LEU B 672 19.91 -38.25 17.12
CA LEU B 672 20.31 -37.23 18.13
C LEU B 672 20.28 -35.84 17.48
N LEU B 673 20.71 -35.73 16.22
CA LEU B 673 20.70 -34.46 15.45
C LEU B 673 19.27 -34.01 15.20
N VAL B 674 18.41 -34.92 14.70
CA VAL B 674 16.97 -34.69 14.42
C VAL B 674 16.26 -34.27 15.71
N PHE B 675 16.60 -34.91 16.84
CA PHE B 675 16.03 -34.61 18.18
C PHE B 675 16.29 -33.14 18.54
N ILE B 676 17.55 -32.71 18.47
CA ILE B 676 18.01 -31.32 18.78
C ILE B 676 17.21 -30.35 17.90
N LEU B 677 17.18 -30.59 16.58
CA LEU B 677 16.44 -29.75 15.58
C LEU B 677 14.99 -29.56 16.04
N ILE B 678 14.31 -30.64 16.39
CA ILE B 678 12.86 -30.64 16.76
C ILE B 678 12.70 -30.04 18.17
N PHE B 679 13.52 -30.45 19.13
CA PHE B 679 13.50 -29.99 20.55
C PHE B 679 13.64 -28.46 20.59
N LEU B 680 14.78 -27.94 20.12
CA LEU B 680 15.09 -26.48 20.14
C LEU B 680 13.92 -25.70 19.54
N GLU B 681 13.56 -26.01 18.29
CA GLU B 681 12.50 -25.30 17.53
C GLU B 681 11.18 -25.33 18.31
N SER B 682 10.75 -26.51 18.76
CA SER B 682 9.43 -26.76 19.39
C SER B 682 9.36 -26.12 20.78
N GLN B 683 10.38 -26.34 21.62
CA GLN B 683 10.44 -25.85 23.02
C GLN B 683 10.56 -24.32 23.02
N ILE B 684 11.33 -23.73 22.10
CA ILE B 684 11.49 -22.25 21.97
C ILE B 684 10.18 -21.65 21.47
N THR B 685 9.48 -22.32 20.55
CA THR B 685 8.15 -21.90 20.02
C THR B 685 7.15 -21.88 21.18
N THR B 686 7.18 -22.89 22.06
CA THR B 686 6.31 -23.01 23.25
C THR B 686 6.57 -21.85 24.22
N LEU B 687 7.85 -21.52 24.46
CA LEU B 687 8.26 -20.35 25.30
C LEU B 687 7.63 -19.07 24.73
N ILE B 688 7.87 -18.79 23.44
CA ILE B 688 7.44 -17.57 22.72
C ILE B 688 5.91 -17.46 22.77
N VAL B 689 5.21 -18.57 22.51
CA VAL B 689 3.71 -18.65 22.47
C VAL B 689 3.17 -18.44 23.89
N SER B 690 3.75 -19.11 24.89
CA SER B 690 3.29 -19.11 26.31
C SER B 690 4.12 -18.12 27.15
N LYS B 691 4.30 -16.89 26.66
CA LYS B 691 4.99 -15.80 27.41
C LYS B 691 4.00 -15.19 28.41
N PRO B 692 4.48 -14.59 29.53
CA PRO B 692 3.61 -13.85 30.44
C PRO B 692 2.85 -12.67 29.80
N GLU B 693 3.52 -11.91 28.92
CA GLU B 693 2.94 -10.77 28.15
C GLU B 693 1.63 -11.18 27.48
N ARG B 694 1.67 -12.34 26.81
CA ARG B 694 0.52 -12.94 26.09
C ARG B 694 -0.39 -13.61 27.14
N LYS B 695 -1.66 -13.23 27.18
CA LYS B 695 -2.60 -13.59 28.27
C LYS B 695 -3.03 -15.05 28.07
N MET B 696 -2.13 -15.99 28.42
CA MET B 696 -2.32 -17.46 28.30
C MET B 696 -2.52 -18.03 29.70
N VAL B 697 -3.78 -18.23 30.11
CA VAL B 697 -4.17 -18.57 31.51
C VAL B 697 -3.96 -20.09 31.75
N LYS B 698 -4.29 -20.92 30.75
CA LYS B 698 -4.26 -22.41 30.85
C LYS B 698 -2.84 -22.97 31.04
N GLY B 699 -1.85 -22.39 30.35
CA GLY B 699 -0.41 -22.68 30.55
C GLY B 699 0.06 -23.85 29.69
N SER B 700 1.30 -23.77 29.19
CA SER B 700 1.92 -24.76 28.27
C SER B 700 2.66 -25.83 29.07
N GLY B 701 2.72 -27.06 28.53
CA GLY B 701 3.43 -28.21 29.11
C GLY B 701 4.55 -28.68 28.20
N PHE B 702 5.80 -28.38 28.55
CA PHE B 702 7.01 -28.59 27.72
C PHE B 702 7.34 -30.09 27.60
N HIS B 703 6.96 -30.90 28.59
CA HIS B 703 7.24 -32.36 28.65
C HIS B 703 6.27 -33.12 27.73
N LEU B 704 4.96 -32.85 27.87
CA LEU B 704 3.88 -33.52 27.09
C LEU B 704 4.04 -33.19 25.61
N ASP B 705 4.22 -31.90 25.29
CA ASP B 705 4.36 -31.38 23.89
C ASP B 705 5.56 -32.03 23.21
N LEU B 706 6.70 -32.14 23.91
CA LEU B 706 7.94 -32.75 23.39
C LEU B 706 7.74 -34.25 23.16
N LEU B 707 7.10 -34.95 24.11
CA LEU B 707 6.85 -36.42 24.05
C LEU B 707 6.04 -36.76 22.80
N LEU B 708 4.99 -35.97 22.51
CA LEU B 708 4.09 -36.17 21.34
C LEU B 708 4.86 -35.87 20.05
N VAL B 709 5.35 -34.63 19.89
CA VAL B 709 5.96 -34.12 18.63
C VAL B 709 7.03 -35.12 18.14
N VAL B 710 8.02 -35.41 18.99
CA VAL B 710 9.20 -36.27 18.65
C VAL B 710 8.76 -37.73 18.59
N GLY B 711 7.92 -38.18 19.53
CA GLY B 711 7.40 -39.56 19.60
C GLY B 711 6.61 -39.94 18.35
N MET B 712 5.66 -39.10 17.96
CA MET B 712 4.81 -39.27 16.74
C MET B 712 5.70 -39.30 15.50
N GLY B 713 6.68 -38.39 15.44
CA GLY B 713 7.68 -38.30 14.35
C GLY B 713 8.40 -39.63 14.15
N GLY B 714 8.79 -40.28 15.24
CA GLY B 714 9.45 -41.61 15.21
C GLY B 714 8.52 -42.69 14.70
N VAL B 715 7.26 -42.68 15.13
CA VAL B 715 6.20 -43.64 14.70
C VAL B 715 5.88 -43.39 13.21
N ALA B 716 5.86 -42.11 12.79
CA ALA B 716 5.57 -41.68 11.41
C ALA B 716 6.62 -42.25 10.44
N ALA B 717 7.89 -42.33 10.88
CA ALA B 717 9.03 -42.82 10.09
C ALA B 717 8.84 -44.30 9.71
N LEU B 718 8.20 -45.09 10.58
CA LEU B 718 7.86 -46.52 10.32
C LEU B 718 6.92 -46.64 9.11
N PHE B 719 6.05 -45.65 8.90
CA PHE B 719 5.09 -45.58 7.78
C PHE B 719 5.68 -44.76 6.61
N GLY B 720 6.99 -44.50 6.63
CA GLY B 720 7.72 -43.74 5.59
C GLY B 720 7.12 -42.37 5.37
N MET B 721 6.75 -41.68 6.46
CA MET B 721 6.21 -40.29 6.45
C MET B 721 7.19 -39.38 7.19
N PRO B 722 7.24 -38.07 6.87
CA PRO B 722 8.18 -37.16 7.52
C PRO B 722 7.80 -36.84 8.98
N TRP B 723 8.77 -36.89 9.89
CA TRP B 723 8.65 -36.32 11.27
C TRP B 723 8.57 -34.80 11.17
N LEU B 724 7.90 -34.17 12.12
CA LEU B 724 7.55 -32.72 12.10
C LEU B 724 8.08 -32.04 13.36
N SER B 725 7.86 -30.72 13.45
CA SER B 725 8.19 -29.87 14.63
C SER B 725 7.08 -28.83 14.82
N ALA B 726 6.97 -28.29 16.04
CA ALA B 726 6.09 -27.14 16.35
C ALA B 726 6.72 -25.88 15.74
N THR B 727 6.33 -25.55 14.50
CA THR B 727 6.90 -24.45 13.67
C THR B 727 6.51 -23.10 14.27
N THR B 728 7.45 -22.16 14.33
CA THR B 728 7.36 -20.89 15.09
C THR B 728 6.34 -19.95 14.44
N VAL B 729 6.58 -19.53 13.18
CA VAL B 729 5.77 -18.49 12.47
C VAL B 729 4.29 -18.93 12.46
N ARG B 730 4.00 -20.19 12.15
CA ARG B 730 2.61 -20.73 12.12
C ARG B 730 2.03 -20.70 13.53
N SER B 731 2.73 -21.27 14.52
CA SER B 731 2.31 -21.33 15.95
C SER B 731 2.08 -19.92 16.50
N VAL B 732 3.05 -19.02 16.28
CA VAL B 732 2.98 -17.57 16.63
C VAL B 732 1.74 -16.96 15.96
N THR B 733 1.60 -17.16 14.64
CA THR B 733 0.49 -16.61 13.80
C THR B 733 -0.84 -17.17 14.32
N HIS B 734 -0.87 -18.45 14.68
CA HIS B 734 -2.07 -19.17 15.18
C HIS B 734 -2.55 -18.54 16.49
N ALA B 735 -1.64 -18.36 17.44
CA ALA B 735 -1.86 -17.67 18.73
C ALA B 735 -2.36 -16.24 18.48
N ASN B 736 -1.70 -15.50 17.58
CA ASN B 736 -2.05 -14.11 17.18
C ASN B 736 -3.45 -14.06 16.58
N ALA B 737 -3.83 -15.08 15.80
CA ALA B 737 -5.16 -15.18 15.14
C ALA B 737 -6.26 -15.40 16.17
N LEU B 738 -5.92 -15.86 17.38
CA LEU B 738 -6.85 -16.18 18.48
C LEU B 738 -6.74 -15.15 19.62
N THR B 739 -5.95 -14.08 19.43
CA THR B 739 -5.72 -13.00 20.42
C THR B 739 -6.71 -11.85 20.17
N VAL B 740 -7.46 -11.44 21.20
CA VAL B 740 -8.41 -10.28 21.14
C VAL B 740 -7.66 -9.00 21.52
N MET B 741 -8.14 -7.85 21.05
CA MET B 741 -7.54 -6.50 21.30
C MET B 741 -8.67 -5.53 21.71
N GLY B 742 -8.36 -4.63 22.67
CA GLY B 742 -9.29 -3.61 23.20
C GLY B 742 -8.62 -2.26 23.36
N LYS B 743 -9.43 -1.20 23.45
CA LYS B 743 -8.99 0.22 23.62
C LYS B 743 -8.22 0.67 22.37
N ALA B 751 -3.36 0.09 22.68
CA ALA B 751 -4.15 -1.16 22.76
C ALA B 751 -3.33 -2.26 23.44
N GLN B 752 -4.02 -3.14 24.19
CA GLN B 752 -3.42 -4.28 24.94
C GLN B 752 -4.24 -5.55 24.68
N ILE B 753 -3.77 -6.69 25.21
CA ILE B 753 -4.43 -8.03 25.11
C ILE B 753 -5.26 -8.26 26.37
N GLN B 754 -6.53 -8.64 26.20
CA GLN B 754 -7.46 -8.99 27.31
C GLN B 754 -7.27 -10.48 27.66
N GLU B 755 -7.53 -11.36 26.69
CA GLU B 755 -7.30 -12.83 26.81
C GLU B 755 -7.14 -13.44 25.40
N VAL B 756 -6.40 -14.55 25.30
CA VAL B 756 -6.25 -15.38 24.07
C VAL B 756 -7.31 -16.48 24.10
N LYS B 757 -7.87 -16.82 22.94
CA LYS B 757 -8.90 -17.89 22.78
C LYS B 757 -8.16 -19.24 22.72
N GLU B 758 -7.85 -19.79 23.90
CA GLU B 758 -7.06 -21.05 24.08
C GLU B 758 -7.99 -22.24 23.95
N GLN B 759 -7.82 -23.04 22.89
CA GLN B 759 -8.72 -24.18 22.54
C GLN B 759 -7.98 -25.13 21.59
N ARG B 760 -8.52 -26.35 21.43
CA ARG B 760 -7.91 -27.46 20.65
C ARG B 760 -8.53 -27.56 19.25
N ILE B 761 -9.63 -26.85 18.98
CA ILE B 761 -10.47 -27.05 17.75
C ILE B 761 -9.78 -26.38 16.55
N SER B 762 -9.19 -25.19 16.73
CA SER B 762 -8.51 -24.43 15.65
C SER B 762 -7.33 -25.25 15.11
N GLY B 763 -6.49 -25.77 16.00
CA GLY B 763 -5.34 -26.64 15.66
C GLY B 763 -5.79 -27.96 15.03
N LEU B 764 -6.87 -28.56 15.56
CA LEU B 764 -7.49 -29.80 15.04
C LEU B 764 -7.99 -29.57 13.61
N LEU B 765 -8.87 -28.58 13.42
CA LEU B 765 -9.54 -28.29 12.13
C LEU B 765 -8.51 -28.01 11.03
N VAL B 766 -7.45 -27.26 11.34
CA VAL B 766 -6.33 -26.95 10.40
C VAL B 766 -5.66 -28.26 9.95
N ALA B 767 -5.42 -29.18 10.89
CA ALA B 767 -4.79 -30.50 10.63
C ALA B 767 -5.71 -31.35 9.74
N VAL B 768 -6.99 -31.44 10.09
CA VAL B 768 -8.01 -32.24 9.34
C VAL B 768 -8.12 -31.69 7.91
N LEU B 769 -8.20 -30.36 7.75
CA LEU B 769 -8.35 -29.70 6.43
C LEU B 769 -7.12 -29.97 5.56
N VAL B 770 -5.92 -29.93 6.13
CA VAL B 770 -4.63 -30.27 5.43
C VAL B 770 -4.70 -31.73 4.95
N GLY B 771 -5.26 -32.63 5.75
CA GLY B 771 -5.51 -34.04 5.39
C GLY B 771 -6.49 -34.16 4.23
N LEU B 772 -7.54 -33.33 4.23
CA LEU B 772 -8.62 -33.36 3.21
C LEU B 772 -8.22 -32.58 1.95
N SER B 773 -7.09 -31.86 1.97
CA SER B 773 -6.60 -30.98 0.85
C SER B 773 -6.60 -31.73 -0.49
N ILE B 774 -6.22 -33.01 -0.49
CA ILE B 774 -6.19 -33.91 -1.70
C ILE B 774 -7.61 -34.01 -2.27
N LEU B 775 -8.64 -34.14 -1.42
CA LEU B 775 -10.05 -34.32 -1.86
C LEU B 775 -10.61 -33.00 -2.40
N MET B 776 -10.27 -31.86 -1.78
CA MET B 776 -10.79 -30.51 -2.16
C MET B 776 -9.83 -29.85 -3.16
N GLU B 777 -9.47 -30.57 -4.22
CA GLU B 777 -8.60 -30.10 -5.34
C GLU B 777 -9.31 -29.00 -6.13
N PRO B 778 -10.62 -29.13 -6.48
CA PRO B 778 -11.32 -28.09 -7.24
C PRO B 778 -11.26 -26.67 -6.63
N ILE B 779 -11.32 -26.57 -5.29
CA ILE B 779 -11.28 -25.28 -4.53
C ILE B 779 -9.84 -24.74 -4.57
N LEU B 780 -8.85 -25.60 -4.30
CA LEU B 780 -7.41 -25.22 -4.19
C LEU B 780 -6.84 -24.90 -5.58
N SER B 781 -7.27 -25.62 -6.62
CA SER B 781 -6.75 -25.51 -8.02
C SER B 781 -7.02 -24.13 -8.62
N ARG B 782 -8.00 -23.37 -8.09
CA ARG B 782 -8.32 -21.99 -8.53
C ARG B 782 -7.48 -20.96 -7.76
N ILE B 783 -7.02 -21.29 -6.55
CA ILE B 783 -6.24 -20.38 -5.66
C ILE B 783 -4.81 -20.28 -6.19
N PRO B 784 -4.31 -19.09 -6.59
CA PRO B 784 -2.93 -18.93 -7.02
C PRO B 784 -1.95 -18.83 -5.83
N LEU B 785 -0.69 -19.18 -6.06
CA LEU B 785 0.40 -19.09 -5.05
C LEU B 785 0.73 -17.62 -4.77
N ALA B 786 0.57 -16.75 -5.78
CA ALA B 786 0.77 -15.29 -5.70
C ALA B 786 0.01 -14.71 -4.52
N VAL B 787 -1.27 -15.07 -4.37
CA VAL B 787 -2.16 -14.62 -3.25
C VAL B 787 -1.58 -15.12 -1.92
N LEU B 788 -1.26 -16.42 -1.84
CA LEU B 788 -0.64 -17.09 -0.66
C LEU B 788 0.63 -16.35 -0.20
N PHE B 789 1.43 -15.81 -1.13
CA PHE B 789 2.69 -15.07 -0.83
C PHE B 789 2.38 -13.76 -0.09
N GLY B 790 1.32 -13.06 -0.49
CA GLY B 790 0.83 -11.85 0.19
C GLY B 790 0.45 -12.12 1.64
N ILE B 791 -0.07 -13.32 1.92
CA ILE B 791 -0.48 -13.79 3.27
C ILE B 791 0.77 -14.19 4.07
N PHE B 792 1.82 -14.71 3.42
CA PHE B 792 3.10 -15.08 4.07
C PHE B 792 3.87 -13.83 4.47
N LEU B 793 3.80 -12.78 3.66
CA LEU B 793 4.42 -11.46 3.96
C LEU B 793 3.72 -10.85 5.18
N TYR B 794 2.38 -10.92 5.22
CA TYR B 794 1.52 -10.48 6.36
C TYR B 794 1.91 -11.26 7.62
N MET B 795 2.02 -12.58 7.51
CA MET B 795 2.45 -13.51 8.59
C MET B 795 3.85 -13.12 9.09
N GLY B 796 4.80 -12.93 8.17
CA GLY B 796 6.19 -12.57 8.47
C GLY B 796 6.29 -11.27 9.24
N VAL B 797 5.56 -10.25 8.79
CA VAL B 797 5.58 -8.87 9.38
C VAL B 797 4.90 -8.91 10.75
N THR B 798 3.70 -9.52 10.82
CA THR B 798 2.84 -9.57 12.03
C THR B 798 3.55 -10.33 13.17
N SER B 799 4.37 -11.34 12.85
CA SER B 799 5.10 -12.21 13.82
C SER B 799 6.15 -11.42 14.59
N LEU B 800 6.57 -10.25 14.11
CA LEU B 800 7.61 -9.39 14.75
C LEU B 800 7.02 -8.54 15.88
N SER B 801 5.68 -8.45 15.98
CA SER B 801 4.92 -7.55 16.89
C SER B 801 5.51 -7.53 18.31
N GLY B 802 5.45 -8.67 19.02
CA GLY B 802 5.77 -8.78 20.45
C GLY B 802 7.20 -9.21 20.72
N ILE B 803 8.15 -8.77 19.88
CA ILE B 803 9.61 -9.04 20.01
C ILE B 803 10.29 -7.74 20.46
N GLN B 804 10.81 -7.71 21.69
CA GLN B 804 11.50 -6.54 22.29
C GLN B 804 12.77 -6.19 21.49
N LEU B 805 13.42 -7.18 20.89
CA LEU B 805 14.59 -6.99 19.98
C LEU B 805 14.16 -6.10 18.81
N PHE B 806 13.10 -6.50 18.08
CA PHE B 806 12.52 -5.74 16.94
C PHE B 806 12.10 -4.34 17.39
N ASP B 807 11.48 -4.24 18.57
CA ASP B 807 11.07 -2.95 19.19
C ASP B 807 12.31 -2.08 19.40
N ARG B 808 13.43 -2.67 19.83
CA ARG B 808 14.71 -1.96 20.09
C ARG B 808 15.45 -1.67 18.77
N ILE B 809 15.24 -2.47 17.72
CA ILE B 809 15.83 -2.24 16.36
C ILE B 809 15.25 -0.93 15.80
N LEU B 810 13.97 -0.66 16.06
CA LEU B 810 13.26 0.58 15.63
C LEU B 810 13.79 1.80 16.40
N LEU B 811 14.23 1.62 17.65
CA LEU B 811 14.76 2.73 18.51
C LEU B 811 16.14 3.19 18.03
N LEU B 812 16.87 2.37 17.26
CA LEU B 812 18.16 2.76 16.65
C LEU B 812 17.96 3.95 15.71
N PHE B 813 16.80 4.02 15.04
CA PHE B 813 16.45 5.04 14.03
C PHE B 813 15.73 6.22 14.69
N LYS B 814 14.78 5.95 15.60
CA LYS B 814 14.05 6.97 16.39
C LYS B 814 15.05 7.77 17.24
N PRO B 815 14.89 9.11 17.38
CA PRO B 815 15.67 9.88 18.35
C PRO B 815 15.31 9.52 19.79
N PRO B 816 16.22 9.75 20.77
CA PRO B 816 15.99 9.33 22.15
C PRO B 816 14.87 10.11 22.88
N LYS B 817 14.45 11.25 22.35
CA LYS B 817 13.36 12.11 22.91
C LYS B 817 12.00 11.41 22.72
N TYR B 818 11.81 10.69 21.60
CA TYR B 818 10.55 10.00 21.22
C TYR B 818 10.67 8.49 21.44
N HIS B 819 11.21 8.07 22.59
CA HIS B 819 11.37 6.64 22.98
C HIS B 819 10.14 6.18 23.76
N PRO B 820 9.82 4.86 23.76
CA PRO B 820 8.56 4.35 24.31
C PRO B 820 8.31 4.44 25.83
N ASP B 821 9.29 4.92 26.61
CA ASP B 821 9.18 5.15 28.09
C ASP B 821 8.98 3.81 28.82
N VAL B 822 9.58 2.73 28.33
CA VAL B 822 9.55 1.36 28.92
C VAL B 822 10.83 1.17 29.76
N PRO B 823 10.95 0.14 30.63
CA PRO B 823 12.02 0.10 31.64
C PRO B 823 13.45 0.27 31.08
N TYR B 824 13.83 -0.53 30.08
CA TYR B 824 15.16 -0.51 29.42
C TYR B 824 15.38 0.82 28.68
N VAL B 825 14.30 1.51 28.29
CA VAL B 825 14.35 2.87 27.68
C VAL B 825 14.75 3.85 28.79
N LYS B 826 14.19 3.67 30.00
CA LYS B 826 14.48 4.59 31.12
C LYS B 826 15.71 4.11 31.92
N ARG B 827 15.61 2.95 32.58
CA ARG B 827 16.72 2.47 33.46
C ARG B 827 18.07 2.55 32.72
N VAL B 828 18.19 1.92 31.54
CA VAL B 828 19.47 1.85 30.79
C VAL B 828 19.69 3.09 29.91
N LYS B 829 20.95 3.55 29.81
CA LYS B 829 21.36 4.69 28.93
C LYS B 829 21.16 4.29 27.47
N THR B 830 20.89 5.28 26.60
CA THR B 830 20.51 5.08 25.18
C THR B 830 21.59 4.27 24.45
N TRP B 831 22.87 4.63 24.62
CA TRP B 831 24.03 3.99 23.94
C TRP B 831 24.24 2.57 24.46
N ARG B 832 23.89 2.30 25.72
CA ARG B 832 23.99 0.95 26.36
C ARG B 832 22.88 0.06 25.78
N MET B 833 21.65 0.57 25.71
CA MET B 833 20.47 -0.12 25.11
C MET B 833 20.78 -0.52 23.66
N HIS B 834 21.35 0.40 22.88
CA HIS B 834 21.66 0.22 21.44
C HIS B 834 22.85 -0.75 21.26
N LEU B 835 23.79 -0.77 22.22
CA LEU B 835 24.95 -1.71 22.22
C LEU B 835 24.42 -3.14 22.39
N PHE B 836 23.51 -3.35 23.36
CA PHE B 836 22.84 -4.64 23.65
C PHE B 836 22.08 -5.12 22.42
N THR B 837 21.32 -4.22 21.77
CA THR B 837 20.61 -4.46 20.49
C THR B 837 21.63 -4.80 19.40
N GLY B 838 22.78 -4.13 19.41
CA GLY B 838 23.93 -4.38 18.52
C GLY B 838 24.46 -5.80 18.62
N ILE B 839 24.49 -6.38 19.83
CA ILE B 839 25.02 -7.76 20.07
C ILE B 839 24.06 -8.77 19.43
N GLN B 840 22.75 -8.52 19.53
CA GLN B 840 21.69 -9.40 18.98
C GLN B 840 21.67 -9.34 17.45
N ILE B 841 21.99 -8.19 16.86
CA ILE B 841 22.12 -8.04 15.38
C ILE B 841 23.30 -8.90 14.90
N ILE B 842 24.42 -8.87 15.63
CA ILE B 842 25.66 -9.64 15.31
C ILE B 842 25.34 -11.14 15.37
N CYS B 843 24.52 -11.57 16.34
CA CYS B 843 24.04 -12.97 16.50
C CYS B 843 23.19 -13.36 15.28
N LEU B 844 22.18 -12.55 14.94
CA LEU B 844 21.27 -12.76 13.78
C LEU B 844 22.07 -12.91 12.48
N ALA B 845 23.07 -12.06 12.28
CA ALA B 845 23.98 -12.06 11.11
C ALA B 845 24.71 -13.42 11.05
N VAL B 846 25.28 -13.87 12.17
CA VAL B 846 26.02 -15.16 12.29
C VAL B 846 25.04 -16.31 12.05
N LEU B 847 23.85 -16.25 12.64
CA LEU B 847 22.76 -17.25 12.47
C LEU B 847 22.35 -17.33 10.99
N TRP B 848 22.29 -16.19 10.30
CA TRP B 848 21.88 -16.08 8.86
C TRP B 848 22.98 -16.65 7.94
N VAL B 849 24.25 -16.47 8.29
CA VAL B 849 25.42 -17.03 7.54
C VAL B 849 25.42 -18.55 7.68
N VAL B 850 25.20 -19.06 8.90
CA VAL B 850 25.12 -20.51 9.23
C VAL B 850 23.95 -21.15 8.45
N LYS B 851 22.83 -20.43 8.33
CA LYS B 851 21.63 -20.84 7.53
C LYS B 851 22.02 -20.97 6.05
N SER B 852 22.81 -20.02 5.52
CA SER B 852 23.23 -19.93 4.10
C SER B 852 24.23 -21.03 3.74
N THR B 853 25.24 -21.24 4.60
CA THR B 853 26.38 -22.18 4.36
C THR B 853 25.89 -23.62 4.31
N PRO B 854 26.69 -24.57 3.74
CA PRO B 854 26.34 -25.99 3.75
C PRO B 854 26.02 -26.58 5.13
N ALA B 855 26.68 -26.09 6.18
CA ALA B 855 26.45 -26.49 7.60
C ALA B 855 25.22 -25.76 8.15
N SER B 856 24.04 -26.09 7.63
CA SER B 856 22.71 -25.52 8.01
C SER B 856 22.06 -26.37 9.12
N LEU B 857 22.49 -27.63 9.27
CA LEU B 857 22.03 -28.56 10.34
C LEU B 857 22.64 -28.17 11.69
N ALA B 858 23.67 -27.33 11.71
CA ALA B 858 24.40 -26.88 12.91
C ALA B 858 23.83 -25.57 13.47
N LEU B 859 22.73 -25.04 12.88
CA LEU B 859 22.09 -23.77 13.32
C LEU B 859 21.48 -23.91 14.71
N PRO B 860 20.80 -25.03 15.06
CA PRO B 860 20.40 -25.29 16.44
C PRO B 860 21.55 -25.20 17.47
N PHE B 861 22.73 -25.74 17.13
CA PHE B 861 23.93 -25.75 18.00
C PHE B 861 24.50 -24.33 18.12
N VAL B 862 24.43 -23.53 17.04
CA VAL B 862 24.86 -22.10 17.03
C VAL B 862 23.86 -21.26 17.83
N LEU B 863 22.57 -21.58 17.76
CA LEU B 863 21.48 -20.89 18.52
C LEU B 863 21.66 -21.15 20.02
N ILE B 864 22.08 -22.36 20.41
CA ILE B 864 22.33 -22.77 21.83
C ILE B 864 23.41 -21.86 22.44
N LEU B 865 24.40 -21.41 21.65
CA LEU B 865 25.56 -20.59 22.13
C LEU B 865 25.12 -19.18 22.57
N THR B 866 23.89 -18.74 22.26
CA THR B 866 23.32 -17.46 22.73
C THR B 866 23.03 -17.52 24.24
N VAL B 867 22.87 -18.72 24.81
CA VAL B 867 22.60 -18.94 26.26
C VAL B 867 23.89 -18.68 27.06
N PRO B 868 25.05 -19.28 26.72
CA PRO B 868 26.34 -18.84 27.26
C PRO B 868 26.59 -17.33 27.15
N LEU B 869 26.35 -16.74 25.98
CA LEU B 869 26.59 -15.30 25.67
C LEU B 869 25.89 -14.43 26.73
N ARG B 870 24.60 -14.70 26.98
CA ARG B 870 23.75 -13.96 27.95
C ARG B 870 24.21 -14.22 29.39
N ARG B 871 24.68 -15.44 29.70
CA ARG B 871 24.95 -15.91 31.09
C ARG B 871 26.41 -15.68 31.48
N VAL B 872 27.36 -15.67 30.52
CA VAL B 872 28.82 -15.61 30.77
C VAL B 872 29.39 -14.28 30.26
N LEU B 873 29.22 -13.98 28.97
CA LEU B 873 29.92 -12.88 28.25
C LEU B 873 29.24 -11.52 28.51
N LEU B 874 27.90 -11.46 28.55
CA LEU B 874 27.13 -10.19 28.70
C LEU B 874 27.32 -9.61 30.11
N PRO B 875 27.16 -10.39 31.21
CA PRO B 875 27.35 -9.86 32.57
C PRO B 875 28.77 -9.34 32.88
N LEU B 876 29.76 -9.70 32.06
CA LEU B 876 31.14 -9.12 32.10
C LEU B 876 31.09 -7.66 31.61
N ILE B 877 30.55 -7.43 30.41
CA ILE B 877 30.58 -6.11 29.70
C ILE B 877 29.37 -5.26 30.11
N PHE B 878 28.21 -5.87 30.42
CA PHE B 878 26.98 -5.20 30.89
C PHE B 878 26.81 -5.38 32.40
N ARG B 879 26.24 -4.37 33.07
CA ARG B 879 25.81 -4.43 34.50
C ARG B 879 24.54 -5.27 34.60
N ASN B 880 24.32 -5.91 35.75
CA ASN B 880 23.15 -6.82 36.00
C ASN B 880 21.85 -6.02 35.92
N VAL B 881 21.82 -4.80 36.48
CA VAL B 881 20.62 -3.90 36.53
C VAL B 881 20.11 -3.64 35.11
N GLU B 882 21.01 -3.45 34.15
CA GLU B 882 20.70 -3.24 32.71
C GLU B 882 20.10 -4.52 32.12
N LEU B 883 20.78 -5.66 32.33
CA LEU B 883 20.42 -6.99 31.76
C LEU B 883 19.06 -7.45 32.30
N GLN B 884 18.79 -7.24 33.59
CA GLN B 884 17.51 -7.62 34.26
C GLN B 884 16.34 -6.85 33.61
N CYS B 885 16.57 -5.59 33.20
CA CYS B 885 15.56 -4.70 32.55
C CYS B 885 15.46 -5.02 31.06
N LEU B 886 16.60 -5.15 30.36
CA LEU B 886 16.67 -5.46 28.91
C LEU B 886 16.12 -6.87 28.66
N ASP B 887 16.69 -7.87 29.33
CA ASP B 887 16.27 -9.30 29.28
C ASP B 887 15.48 -9.59 30.56
N ALA B 888 14.17 -9.33 30.54
CA ALA B 888 13.20 -9.58 31.63
C ALA B 888 12.31 -10.77 31.27
N ASP B 889 11.86 -11.52 32.28
CA ASP B 889 10.95 -12.69 32.11
C ASP B 889 9.56 -12.19 31.71
N ASP B 890 9.11 -11.07 32.31
CA ASP B 890 7.83 -10.37 31.98
C ASP B 890 8.15 -8.94 31.50
N ALA B 891 7.24 -8.36 30.70
CA ALA B 891 7.33 -6.99 30.16
C ALA B 891 6.61 -6.01 31.09
C1 NAG C . -4.42 21.02 -40.90
C2 NAG C . -5.37 19.85 -40.63
C3 NAG C . -6.24 19.49 -41.84
C4 NAG C . -6.80 20.73 -42.51
C5 NAG C . -5.70 21.75 -42.76
C6 NAG C . -6.24 23.02 -43.41
C7 NAG C . -4.23 18.49 -38.99
C8 NAG C . -2.75 18.53 -38.73
N2 NAG C . -4.60 18.69 -40.25
O3 NAG C . -7.31 18.65 -41.41
O4 NAG C . -7.40 20.36 -43.76
O5 NAG C . -5.14 22.10 -41.50
O6 NAG C . -5.33 24.10 -43.19
O7 NAG C . -5.03 18.26 -38.11
C1 NAG C . -8.82 20.34 -43.60
C2 NAG C . -9.49 20.93 -44.84
C3 NAG C . -11.00 20.98 -44.64
C4 NAG C . -11.54 19.63 -44.19
C5 NAG C . -10.71 19.04 -43.05
C6 NAG C . -11.16 17.62 -42.73
C7 NAG C . -8.07 22.45 -46.06
C8 NAG C . -8.22 23.73 -46.83
N2 NAG C . -8.98 22.25 -45.11
O3 NAG C . -11.63 21.36 -45.87
O4 NAG C . -12.89 19.79 -43.74
O5 NAG C . -9.32 19.02 -43.41
O6 NAG C . -10.08 16.88 -42.16
O7 NAG C . -7.19 21.65 -46.29
C1 NAG D . 10.77 -44.10 -8.51
C2 NAG D . 11.53 -43.07 -9.33
C3 NAG D . 12.37 -43.77 -10.38
C4 NAG D . 13.21 -44.90 -9.80
C5 NAG D . 12.41 -45.76 -8.83
C6 NAG D . 13.30 -46.72 -8.05
C7 NAG D . 10.07 -41.13 -9.32
C8 NAG D . 8.57 -41.04 -9.33
N2 NAG D . 10.59 -42.17 -9.97
O3 NAG D . 13.23 -42.79 -10.99
O4 NAG D . 13.68 -45.76 -10.85
O5 NAG D . 11.74 -44.93 -7.88
O6 NAG D . 14.47 -46.03 -7.60
O7 NAG D . 10.77 -40.32 -8.74
C1 NAG D . 15.12 -45.73 -10.87
C2 NAG D . 15.67 -47.09 -11.27
C3 NAG D . 17.20 -47.06 -11.25
C4 NAG D . 17.75 -45.83 -11.96
C5 NAG D . 17.04 -44.57 -11.49
C6 NAG D . 17.54 -43.34 -12.24
C7 NAG D . 14.06 -48.77 -10.61
C8 NAG D . 13.92 -50.08 -9.89
N2 NAG D . 15.20 -48.11 -10.37
O3 NAG D . 17.70 -48.24 -11.89
O4 NAG D . 19.15 -45.71 -11.70
O5 NAG D . 15.64 -44.71 -11.71
O6 NAG D . 16.77 -42.21 -11.84
O7 NAG D . 13.20 -48.33 -11.35
C1 CLR E . 17.92 19.39 -2.72
C2 CLR E . 18.68 19.96 -1.51
C3 CLR E . 18.20 19.32 -0.23
C4 CLR E . 18.39 17.82 -0.30
C5 CLR E . 17.71 17.21 -1.52
C6 CLR E . 16.94 16.13 -1.39
C7 CLR E . 16.25 15.42 -2.50
C8 CLR E . 16.69 15.88 -3.89
C9 CLR E . 16.92 17.40 -3.90
C10 CLR E . 18.00 17.86 -2.87
C11 CLR E . 17.14 17.95 -5.33
C12 CLR E . 16.08 17.49 -6.34
C13 CLR E . 15.94 15.95 -6.38
C14 CLR E . 15.64 15.51 -4.93
C15 CLR E . 15.21 14.05 -5.06
C16 CLR E . 14.50 14.01 -6.43
C17 CLR E . 14.68 15.39 -7.10
C18 CLR E . 17.22 15.32 -6.96
C19 CLR E . 19.43 17.45 -3.32
C20 CLR E . 14.62 15.34 -8.64
C21 CLR E . 14.71 16.73 -9.27
C22 CLR E . 13.37 14.59 -9.12
C23 CLR E . 13.24 14.43 -10.63
C24 CLR E . 12.85 13.03 -11.06
C25 CLR E . 12.38 12.86 -12.51
C26 CLR E . 12.39 11.40 -12.92
C27 CLR E . 13.23 13.69 -13.48
O1 CLR E . 18.92 19.86 0.88
O12 PC1 F . -12.92 -6.20 -19.11
P PC1 F . -11.66 -6.91 -18.70
O14 PC1 F . -11.75 -8.17 -17.89
O13 PC1 F . -10.81 -7.22 -20.02
C11 PC1 F . -11.25 -8.28 -20.92
C12 PC1 F . -10.23 -8.49 -22.02
N PC1 F . -10.13 -9.88 -22.61
C13 PC1 F . -9.29 -9.83 -23.85
C14 PC1 F . -9.49 -10.82 -21.65
C15 PC1 F . -11.48 -10.41 -22.97
O11 PC1 F . -10.75 -5.86 -17.90
C1 PC1 F . -9.32 -6.14 -17.72
C2 PC1 F . -8.87 -5.65 -16.36
O21 PC1 F . -8.61 -4.22 -16.44
C21 PC1 F . -9.06 -3.43 -15.46
O22 PC1 F . -10.11 -2.83 -15.55
C22 PC1 F . -8.16 -3.39 -14.26
C23 PC1 F . -8.11 -2.05 -13.57
C24 PC1 F . -7.23 -2.05 -12.33
C25 PC1 F . -7.76 -1.22 -11.18
C26 PC1 F . -6.95 -1.31 -9.91
C27 PC1 F . -6.39 0.00 -9.42
C28 PC1 F . -5.43 -0.13 -8.26
C29 PC1 F . -4.61 1.13 -7.98
C2A PC1 F . -4.46 1.47 -6.53
C2B PC1 F . -5.75 1.72 -5.79
C2C PC1 F . -5.68 2.74 -4.68
C2D PC1 F . -6.62 2.50 -3.53
C2E PC1 F . -7.18 3.76 -2.89
C2F PC1 F . -7.54 3.62 -1.43
C2G PC1 F . -6.53 4.20 -0.48
C2H PC1 F . -6.56 5.71 -0.39
C2I PC1 F . -5.71 6.27 0.74
C3 PC1 F . -7.61 -6.34 -15.87
O31 PC1 F . -7.69 -6.50 -14.44
C31 PC1 F . -6.53 -6.68 -13.80
O32 PC1 F . -5.65 -7.38 -14.20
C32 PC1 F . -6.48 -5.88 -12.52
C33 PC1 F . -5.67 -6.52 -11.44
C34 PC1 F . -6.20 -6.23 -10.04
C35 PC1 F . -6.09 -4.78 -9.61
C36 PC1 F . -6.15 -4.57 -8.12
C37 PC1 F . -4.85 -4.84 -7.40
C38 PC1 F . -3.81 -3.75 -7.58
C39 PC1 F . -2.61 -3.87 -6.65
C3A PC1 F . -2.79 -3.18 -5.32
C3B PC1 F . -1.52 -3.02 -4.53
C3C PC1 F . -1.64 -2.11 -3.34
C3D PC1 F . -1.55 -0.64 -3.67
C3E PC1 F . -2.27 0.27 -2.70
C3F PC1 F . -1.67 1.65 -2.59
C3G PC1 F . -0.51 1.75 -1.63
C3H PC1 F . -0.90 1.90 -0.18
C3I PC1 F . -1.06 3.32 0.28
CAA Y01 G . -29.23 8.61 -4.89
CBA Y01 G . -27.92 8.74 -5.67
CAB Y01 G . -26.89 7.76 -5.14
CAN Y01 G . -27.40 10.17 -5.64
CAJ Y01 G . -27.88 11.03 -4.50
CAO Y01 G . -26.93 11.05 -3.34
CBB Y01 G . -27.27 10.12 -2.17
CAC Y01 G . -26.04 9.35 -1.71
CBE Y01 G . -27.97 10.91 -1.05
CAP Y01 G . -29.46 11.18 -1.37
CAQ Y01 G . -30.19 11.36 -0.03
CBG Y01 G . -29.08 11.29 1.02
CBI Y01 G . -28.03 10.34 0.39
CAE Y01 G . -28.50 8.88 0.38
CAU Y01 G . -26.77 10.49 1.25
CAS Y01 G . -27.04 10.15 2.72
CBF Y01 G . -28.19 10.98 3.33
CBD Y01 G . -29.45 10.97 2.45
CAK Y01 G . -30.47 11.98 2.98
CAI Y01 G . -30.53 12.00 4.48
CAZ Y01 G . -29.72 11.35 5.30
CAV Y01 G . -29.97 11.33 6.78
CBH Y01 G . -28.50 10.58 4.80
CAD Y01 G . -28.79 9.07 4.92
CAT Y01 G . -27.28 10.95 5.69
CAR Y01 G . -27.58 10.89 7.19
CBC Y01 G . -28.75 11.77 7.54
OAW Y01 G . -29.03 11.66 8.97
CAY Y01 G . -29.84 10.70 9.40
OAG Y01 G . -31.02 10.81 9.49
CAM Y01 G . -29.07 9.45 9.76
CAL Y01 G . -27.85 9.65 10.63
CAX Y01 G . -28.14 9.75 12.12
OAH Y01 G . -27.23 10.16 12.87
OAF Y01 G . -29.28 9.43 12.52
CAA Y01 H . -5.17 46.25 -20.96
CBA Y01 H . -5.72 45.25 -19.94
CAB Y01 H . -7.15 44.86 -20.28
CAN Y01 H . -5.60 45.79 -18.51
CAJ Y01 H . -6.40 47.04 -18.19
CAO Y01 H . -6.21 47.52 -16.77
CBB Y01 H . -6.67 48.97 -16.51
CAC Y01 H . -8.20 49.02 -16.44
CBE Y01 H . -6.01 49.54 -15.24
CAP Y01 H . -4.46 49.50 -15.30
CAQ Y01 H . -3.96 50.63 -14.37
CBG Y01 H . -5.22 51.15 -13.70
CBI Y01 H . -6.31 51.01 -14.77
CAE Y01 H . -6.12 51.99 -15.94
CAU Y01 H . -7.65 51.24 -14.07
CAS Y01 H . -7.69 52.60 -13.35
CBF Y01 H . -6.54 52.81 -12.34
CBD Y01 H . -5.17 52.49 -12.97
CAK Y01 H . -4.09 52.46 -11.88
CAI Y01 H . -4.27 53.54 -10.84
CAZ Y01 H . -5.34 54.31 -10.71
CAV Y01 H . -5.38 55.37 -9.63
CBH Y01 H . -6.57 54.18 -11.61
CAD Y01 H . -6.56 55.37 -12.61
CAT Y01 H . -7.85 54.25 -10.73
CAR Y01 H . -7.85 55.38 -9.70
CBC Y01 H . -6.65 55.29 -8.80
OAW Y01 H . -6.64 56.40 -7.86
CAY Y01 H . -7.45 56.37 -6.81
OAG Y01 H . -8.47 56.98 -6.74
CAM Y01 H . -6.93 55.46 -5.72
CAL Y01 H . -7.08 55.98 -4.30
CAX Y01 H . -7.06 54.91 -3.23
OAH Y01 H . -5.99 54.71 -2.60
OAF Y01 H . -8.11 54.27 -3.01
CAA Y01 I . 11.40 32.75 -18.59
CBA Y01 I . 11.69 32.54 -20.08
CAB Y01 I . 10.75 33.37 -20.94
CAN Y01 I . 11.67 31.05 -20.45
CAJ Y01 I . 10.32 30.33 -20.36
CAO Y01 I . 9.41 30.48 -21.57
CBB Y01 I . 10.06 30.26 -22.95
CAC Y01 I . 10.80 28.92 -22.99
CBE Y01 I . 9.04 30.41 -24.10
CAP Y01 I . 7.84 31.35 -23.80
CAQ Y01 I . 7.24 31.75 -25.16
CBG Y01 I . 8.14 31.08 -26.20
CBI Y01 I . 9.52 30.94 -25.49
CAE Y01 I . 10.26 32.29 -25.34
CAU Y01 I . 10.34 29.97 -26.35
CAS Y01 I . 10.50 30.48 -27.79
CBF Y01 I . 9.18 30.84 -28.49
CBD Y01 I . 8.21 31.66 -27.61
CAK Y01 I . 6.83 31.69 -28.25
CAI Y01 I . 6.88 31.90 -29.73
CAZ Y01 I . 7.98 31.84 -30.47
CAV Y01 I . 7.93 32.14 -31.96
CBH Y01 I . 9.36 31.50 -29.90
CAD Y01 I . 10.20 32.79 -29.84
CAT Y01 I . 10.04 30.48 -30.84
CAR Y01 I . 10.00 30.87 -32.32
CBC Y01 I . 8.58 31.06 -32.78
OAW Y01 I . 8.50 31.44 -34.19
CAY Y01 I . 9.44 32.23 -34.73
OAG Y01 I . 9.60 33.37 -34.42
CAM Y01 I . 10.26 31.50 -35.76
CAL Y01 I . 9.77 31.64 -37.19
CAX Y01 I . 8.35 31.14 -37.43
OAH Y01 I . 8.00 30.05 -36.91
OAF Y01 I . 7.60 31.83 -38.15
C1 CLR J . -18.77 -16.33 9.26
C2 CLR J . -19.81 -15.84 10.28
C3 CLR J . -19.56 -14.42 10.69
C4 CLR J . -19.57 -13.53 9.47
C5 CLR J . -18.60 -13.98 8.39
C6 CLR J . -17.78 -13.12 7.82
C7 CLR J . -16.79 -13.42 6.74
C8 CLR J . -16.98 -14.81 6.13
C9 CLR J . -17.36 -15.83 7.23
C10 CLR J . -18.66 -15.46 7.99
C11 CLR J . -17.32 -17.29 6.72
C12 CLR J . -16.04 -17.65 5.96
C13 CLR J . -15.75 -16.68 4.81
C14 CLR J . -15.71 -15.27 5.43
C15 CLR J . -15.12 -14.38 4.34
C16 CLR J . -14.13 -15.32 3.59
C17 CLR J . -14.31 -16.73 4.20
C18 CLR J . -16.80 -16.83 3.70
C19 CLR J . -19.91 -15.66 7.11
C20 CLR J . -13.93 -17.86 3.21
C21 CLR J . -14.02 -19.25 3.85
C22 CLR J . -12.53 -17.63 2.61
C23 CLR J . -12.07 -18.64 1.59
C24 CLR J . -11.45 -18.03 0.35
C25 CLR J . -10.69 -18.98 -0.58
C26 CLR J . -10.48 -18.36 -1.94
C27 CLR J . -11.38 -20.33 -0.72
O1 CLR J . -20.54 -14.00 11.65
O12 PC1 K . 15.01 -10.61 -14.05
P PC1 K . 15.66 -9.32 -13.64
O14 PC1 K . 16.96 -9.35 -12.88
O13 PC1 K . 15.87 -8.42 -14.95
C11 PC1 K . 16.71 -8.91 -16.04
C12 PC1 K . 15.92 -8.96 -17.33
N PC1 K . 16.14 -10.15 -18.24
C13 PC1 K . 15.42 -9.92 -19.52
C14 PC1 K . 17.60 -10.33 -18.54
C15 PC1 K . 15.61 -11.40 -17.62
O11 PC1 K . 14.60 -8.48 -12.78
C1 PC1 K . 13.33 -8.10 -13.38
C2 PC1 K . 12.41 -7.53 -12.33
O21 PC1 K . 12.01 -8.62 -11.44
C21 PC1 K . 12.14 -8.43 -10.11
O22 PC1 K . 13.09 -8.82 -9.51
C22 PC1 K . 10.99 -7.67 -9.50
C23 PC1 K . 10.40 -8.35 -8.30
C24 PC1 K . 9.49 -7.44 -7.49
C25 PC1 K . 10.20 -6.62 -6.41
C26 PC1 K . 9.61 -6.76 -5.03
C27 PC1 K . 8.18 -6.29 -4.91
C28 PC1 K . 7.76 -5.91 -3.51
C29 PC1 K . 6.27 -5.85 -3.29
C2A PC1 K . 5.85 -5.84 -1.84
C2B PC1 K . 6.46 -4.75 -1.00
C2C PC1 K . 5.76 -4.49 0.31
C2D PC1 K . 6.34 -3.33 1.11
C2E PC1 K . 7.09 -3.75 2.34
C2F PC1 K . 7.30 -2.63 3.35
C2G PC1 K . 6.11 -2.40 4.26
C2H PC1 K . 5.99 -3.38 5.39
C2I PC1 K . 4.93 -3.02 6.40
C3 PC1 K . 11.16 -6.89 -12.90
O31 PC1 K . 10.89 -5.68 -12.14
C31 PC1 K . 9.62 -5.33 -12.01
O32 PC1 K . 8.82 -5.35 -12.91
C32 PC1 K . 9.30 -4.89 -10.61
C33 PC1 K . 8.41 -3.68 -10.53
C34 PC1 K . 8.72 -2.77 -9.36
C35 PC1 K . 8.42 -3.36 -8.01
C36 PC1 K . 7.98 -2.36 -6.97
C37 PC1 K . 6.55 -1.90 -7.11
C38 PC1 K . 5.51 -2.95 -6.79
C39 PC1 K . 4.13 -2.41 -6.52
C3A PC1 K . 3.97 -1.75 -5.17
C3B PC1 K . 2.56 -1.78 -4.63
C3C PC1 K . 2.45 -1.30 -3.20
C3D PC1 K . 3.05 -2.24 -2.17
C3E PC1 K . 2.64 -1.94 -0.75
C3F PC1 K . 1.41 -2.69 -0.30
C3G PC1 K . 0.59 -1.95 0.74
C3H PC1 K . 1.33 -1.59 2.01
C3I PC1 K . 0.62 -2.00 3.28
CAA Y01 L . 27.70 -6.51 8.91
CBA Y01 L . 26.90 -7.79 9.06
CAB Y01 L . 25.41 -7.51 8.92
CAN Y01 L . 27.22 -8.50 10.37
CAJ Y01 L . 27.63 -7.62 11.52
CAO Y01 L . 26.46 -7.00 12.25
CBB Y01 L . 26.42 -5.46 12.23
CAC Y01 L . 25.10 -4.98 11.63
CBE Y01 L . 26.69 -4.92 13.64
CAP Y01 L . 28.12 -5.25 14.14
CAQ Y01 L . 28.52 -4.14 15.13
CBG Y01 L . 27.22 -3.38 15.31
CBI Y01 L . 26.60 -3.38 13.91
CAE Y01 L . 27.46 -2.62 12.90
CAU Y01 L . 25.21 -2.73 14.02
CAS Y01 L . 24.70 -2.43 15.44
CBF Y01 L . 25.72 -1.82 16.42
CBD Y01 L . 27.18 -2.01 15.96
CAK Y01 L . 28.10 -1.85 17.16
CAI Y01 L . 27.68 -0.67 18.00
CAZ Y01 L . 26.59 0.06 17.81
CAV Y01 L . 26.37 1.35 18.57
CBH Y01 L . 25.48 -0.34 16.84
CAD Y01 L . 25.51 0.60 15.62
CAT Y01 L . 24.12 -0.23 17.55
CAR Y01 L . 23.93 1.09 18.30
CBC Y01 L . 25.04 1.33 19.29
OAW Y01 L . 24.85 2.65 19.89
CAY Y01 L . 25.79 3.12 20.69
OAG Y01 L . 26.41 2.44 21.47
CAM Y01 L . 25.98 4.60 20.52
CAL Y01 L . 24.80 5.35 19.96
CAX Y01 L . 23.95 6.07 21.00
OAH Y01 L . 24.42 7.09 21.54
OAF Y01 L . 22.82 5.61 21.26
CAA Y01 M . 4.06 -45.72 23.37
CBA Y01 M . 5.35 -44.94 23.64
CAB Y01 M . 6.24 -45.67 24.64
CAN Y01 M . 5.05 -43.49 24.09
CAJ Y01 M . 4.50 -43.34 25.50
CAO Y01 M . 5.54 -42.90 26.52
CBB Y01 M . 5.57 -43.71 27.84
CAC Y01 M . 7.01 -43.86 28.33
CBE Y01 M . 4.63 -43.08 28.89
CAP Y01 M . 3.15 -43.08 28.43
CAQ Y01 M . 2.28 -43.10 29.70
CBG Y01 M . 3.29 -42.92 30.83
CBI Y01 M . 4.55 -43.65 30.34
CAE Y01 M . 4.38 -45.19 30.30
CAU Y01 M . 5.68 -43.26 31.29
CAS Y01 M . 5.34 -43.60 32.75
CBF Y01 M . 4.02 -42.97 33.24
CBD Y01 M . 2.86 -43.23 32.27
CAK Y01 M . 1.65 -42.38 32.66
CAI Y01 M . 1.44 -42.33 34.14
CAZ Y01 M . 2.28 -42.79 35.07
CAV Y01 M . 1.90 -42.76 36.54
CBH Y01 M . 3.65 -43.36 34.71
CAD Y01 M . 3.61 -44.88 34.92
CAT Y01 M . 4.69 -42.73 35.67
CAR Y01 M . 4.31 -42.83 37.15
CBC Y01 M . 2.97 -42.18 37.43
OAW Y01 M . 2.57 -42.48 38.80
CAY Y01 M . 3.18 -41.84 39.81
OAG Y01 M . 4.29 -42.09 40.18
CAM Y01 M . 2.30 -40.80 40.44
CAL Y01 M . 2.35 -39.42 39.80
CAX Y01 M . 2.20 -38.26 40.78
OAH Y01 M . 3.05 -37.35 40.73
OAF Y01 M . 1.24 -38.28 41.57
CAA Y01 N . -11.12 -36.38 10.00
CBA Y01 N . -10.57 -37.34 8.94
CAB Y01 N . -11.51 -38.54 8.76
CAN Y01 N . -9.14 -37.78 9.27
CAJ Y01 N . -8.04 -36.82 8.86
CAO Y01 N . -7.89 -36.55 7.36
CBB Y01 N . -8.23 -37.70 6.38
CAC Y01 N . -8.86 -37.11 5.10
CBE Y01 N . -7.02 -38.59 6.07
CAP Y01 N . -6.05 -38.83 7.26
CAQ Y01 N . -5.21 -40.08 6.90
CBG Y01 N . -5.78 -40.55 5.57
CBI Y01 N . -7.24 -40.05 5.55
CAE Y01 N . -8.15 -40.84 6.52
CAU Y01 N . -7.73 -40.20 4.11
CAS Y01 N . -7.63 -41.65 3.61
CBF Y01 N . -6.24 -42.29 3.79
CBD Y01 N . -5.59 -42.01 5.16
CAK Y01 N . -4.11 -42.38 5.11
CAI Y01 N . -3.86 -43.68 4.39
CAZ Y01 N . -4.76 -44.33 3.66
CAV Y01 N . -4.43 -45.68 3.06
CBH Y01 N . -6.18 -43.80 3.42
CAD Y01 N . -7.15 -44.64 4.28
CAT Y01 N . -6.51 -43.98 1.92
CAR Y01 N . -6.23 -45.38 1.38
CBC Y01 N . -4.79 -45.78 1.59
OAW Y01 N . -4.59 -47.16 1.20
CAY Y01 N . -4.68 -47.48 -0.10
OAG Y01 N . -3.99 -47.00 -0.95
CAM Y01 N . -5.73 -48.53 -0.35
CAL Y01 N . -5.50 -49.87 0.33
CAX Y01 N . -4.24 -50.60 -0.12
OAH Y01 N . -3.45 -51.00 0.75
OAF Y01 N . -4.06 -50.75 -1.34
#